data_4O6B
#
_entry.id   4O6B
#
_cell.length_a   175.879
_cell.length_b   175.879
_cell.length_c   81.419
_cell.angle_alpha   90.000
_cell.angle_beta   90.000
_cell.angle_gamma   120.000
#
_symmetry.space_group_name_H-M   'H 3'
#
loop_
_entity.id
_entity.type
_entity.pdbx_description
1 polymer 'Non-structural protein 1'
2 non-polymer 2-acetamido-2-deoxy-beta-D-glucopyranose
#
_entity_poly.entity_id   1
_entity_poly.type   'polypeptide(L)'
_entity_poly.pdbx_seq_one_letter_code
;AHHHHHHSSGVDLGTENLYFQSNADSGCVVSWKNKELKCGSGIFITDNVHTWTEQYKFQPESPSKLASAIQKAHEEGICG
IRSVTRLENLMWKQITPELNHILSENEVKLTIMTGDIKGIMQAGKRSLRPQPTELKYSWKTWGKAKMLSTESHNQTFLID
GPETAECPNTNRAWNSLEVEDYGFGVFTTNIWLKLKEKQDVFCDSKLMSAAIKDNRAVHADMGYWIESALNDTWKIEKAS
FIEVKNCHWPKSHTLWSNGVLESEMIIPKNLAGPVSQHNYRPGYHTQITGPWHLGKLEMDFDFCDGTTVVVTEDCGNRGP
SLRTTTASGKLITEWCCRSCTLPPLRYRGEDGCWYGMEIRPLKEKEENLVNSLVTA
;
_entity_poly.pdbx_strand_id   A,B
#
loop_
_chem_comp.id
_chem_comp.type
_chem_comp.name
_chem_comp.formula
NAG D-saccharide, beta linking 2-acetamido-2-deoxy-beta-D-glucopyranose 'C8 H15 N O6'
#
# COMPACT_ATOMS: atom_id res chain seq x y z
N ALA A 24 -3.02 -17.50 -0.53
CA ALA A 24 -2.35 -16.67 0.46
C ALA A 24 -1.06 -17.31 0.96
N ASP A 25 -0.26 -16.52 1.65
CA ASP A 25 1.01 -17.00 2.19
C ASP A 25 0.89 -17.23 3.69
N SER A 26 0.92 -18.50 4.09
CA SER A 26 0.81 -18.84 5.50
C SER A 26 2.16 -19.24 6.07
N GLY A 27 2.49 -18.70 7.24
CA GLY A 27 3.78 -18.98 7.83
C GLY A 27 4.00 -18.29 9.16
N CYS A 28 5.27 -18.24 9.58
CA CYS A 28 5.64 -17.67 10.86
C CYS A 28 6.79 -16.66 10.76
N VAL A 29 6.67 -15.57 11.50
CA VAL A 29 7.64 -14.49 11.49
C VAL A 29 7.92 -14.03 12.93
N VAL A 30 9.14 -13.57 13.17
CA VAL A 30 9.53 -13.04 14.48
C VAL A 30 10.26 -11.70 14.34
N SER A 31 9.85 -10.72 15.15
CA SER A 31 10.46 -9.40 15.13
C SER A 31 11.60 -9.30 16.13
N LYS A 35 10.67 -7.92 20.70
CA LYS A 35 10.84 -9.37 20.56
C LYS A 35 9.49 -10.09 20.64
N GLU A 36 8.73 -10.01 19.56
CA GLU A 36 7.40 -10.62 19.52
C GLU A 36 7.34 -11.66 18.41
N LEU A 37 6.60 -12.74 18.67
CA LEU A 37 6.44 -13.81 17.67
C LEU A 37 5.00 -13.83 17.13
N LYS A 38 4.85 -14.00 15.82
CA LYS A 38 3.51 -14.09 15.23
C LYS A 38 3.42 -15.04 14.04
N CYS A 39 2.26 -15.68 13.90
CA CYS A 39 2.05 -16.67 12.85
C CYS A 39 0.66 -16.55 12.26
N GLY A 40 0.50 -17.00 11.03
CA GLY A 40 -0.81 -17.00 10.40
C GLY A 40 -0.72 -16.89 8.90
N SER A 41 -1.84 -16.57 8.28
CA SER A 41 -1.90 -16.42 6.84
C SER A 41 -1.91 -14.93 6.49
N GLY A 42 -1.50 -14.61 5.27
CA GLY A 42 -1.49 -13.24 4.82
C GLY A 42 -0.52 -13.00 3.69
N ILE A 43 0.10 -11.83 3.65
CA ILE A 43 1.09 -11.50 2.64
C ILE A 43 2.40 -11.08 3.29
N PHE A 44 3.52 -11.58 2.76
CA PHE A 44 4.84 -11.28 3.31
C PHE A 44 5.73 -10.54 2.33
N ILE A 45 6.16 -9.34 2.73
CA ILE A 45 6.97 -8.47 1.87
C ILE A 45 8.44 -8.53 2.28
N THR A 46 9.28 -9.09 1.40
CA THR A 46 10.69 -9.31 1.74
C THR A 46 11.61 -8.18 1.29
N ASP A 47 12.73 -8.03 1.98
CA ASP A 47 13.77 -7.09 1.57
C ASP A 47 14.88 -7.87 0.89
N ASN A 48 14.98 -7.73 -0.42
CA ASN A 48 15.99 -8.44 -1.19
C ASN A 48 17.15 -7.54 -1.57
N VAL A 49 17.13 -6.32 -1.05
CA VAL A 49 18.18 -5.35 -1.32
C VAL A 49 19.35 -5.51 -0.37
N HIS A 50 19.06 -5.63 0.92
CA HIS A 50 20.11 -5.69 1.94
C HIS A 50 20.78 -7.06 2.02
N THR A 51 20.15 -8.07 1.45
CA THR A 51 20.72 -9.41 1.44
C THR A 51 21.98 -9.48 0.59
N TRP A 52 23.10 -9.82 1.22
CA TRP A 52 24.39 -9.95 0.54
C TRP A 52 24.31 -10.96 -0.60
N THR A 53 23.42 -11.93 -0.46
CA THR A 53 23.22 -12.96 -1.47
C THR A 53 22.29 -12.48 -2.56
N GLU A 54 22.54 -12.93 -3.79
CA GLU A 54 21.68 -12.63 -4.92
C GLU A 54 20.68 -13.76 -5.15
N GLN A 55 19.48 -13.58 -4.62
CA GLN A 55 18.47 -14.63 -4.64
C GLN A 55 17.76 -14.74 -5.99
N TYR A 56 17.71 -13.64 -6.74
CA TYR A 56 16.94 -13.62 -7.98
C TYR A 56 17.80 -13.37 -9.22
N LYS A 57 17.44 -14.03 -10.31
CA LYS A 57 18.08 -13.83 -11.60
C LYS A 57 17.01 -13.72 -12.68
N PHE A 58 17.33 -13.03 -13.78
CA PHE A 58 16.37 -12.87 -14.87
C PHE A 58 16.59 -13.89 -15.99
N GLN A 59 15.50 -14.47 -16.50
CA GLN A 59 15.59 -15.41 -17.61
C GLN A 59 14.55 -15.13 -18.71
N PRO A 60 14.97 -15.31 -19.97
CA PRO A 60 14.09 -15.16 -21.14
C PRO A 60 13.29 -16.42 -21.40
N GLU A 61 12.20 -16.32 -22.14
CA GLU A 61 11.42 -17.48 -22.53
C GLU A 61 11.79 -17.88 -23.95
N SER A 62 12.16 -16.88 -24.74
CA SER A 62 12.53 -17.11 -26.13
C SER A 62 13.64 -16.15 -26.55
N PRO A 63 14.89 -16.59 -26.38
CA PRO A 63 16.06 -15.83 -26.84
C PRO A 63 16.01 -15.67 -28.36
N SER A 64 15.29 -16.58 -29.02
CA SER A 64 15.07 -16.51 -30.45
C SER A 64 14.17 -15.32 -30.81
N LYS A 65 13.02 -15.24 -30.14
CA LYS A 65 12.10 -14.13 -30.35
C LYS A 65 12.76 -12.81 -30.01
N LEU A 66 13.57 -12.83 -28.96
CA LEU A 66 14.31 -11.66 -28.54
C LEU A 66 15.25 -11.22 -29.63
N ALA A 67 16.05 -12.17 -30.11
CA ALA A 67 16.99 -11.91 -31.20
C ALA A 67 16.29 -11.33 -32.41
N SER A 68 15.14 -11.91 -32.76
CA SER A 68 14.35 -11.45 -33.89
C SER A 68 13.86 -10.03 -33.68
N ALA A 69 13.55 -9.72 -32.42
CA ALA A 69 13.08 -8.40 -32.07
C ALA A 69 14.21 -7.40 -32.17
N ILE A 70 15.43 -7.86 -31.93
CA ILE A 70 16.60 -7.00 -32.07
C ILE A 70 16.93 -6.78 -33.55
N GLN A 71 16.73 -7.82 -34.36
CA GLN A 71 16.89 -7.71 -35.81
C GLN A 71 15.91 -6.68 -36.34
N LYS A 72 14.69 -6.75 -35.82
CA LYS A 72 13.64 -5.81 -36.20
C LYS A 72 13.99 -4.40 -35.76
N ALA A 73 14.50 -4.29 -34.53
CA ALA A 73 14.88 -3.01 -33.95
C ALA A 73 15.97 -2.33 -34.77
N HIS A 74 16.99 -3.09 -35.12
CA HIS A 74 18.07 -2.59 -35.98
C HIS A 74 17.50 -2.24 -37.34
N GLU A 75 16.54 -3.05 -37.80
CA GLU A 75 15.84 -2.79 -39.05
C GLU A 75 14.95 -1.55 -38.89
N GLU A 76 14.44 -1.35 -37.68
CA GLU A 76 13.64 -0.16 -37.37
C GLU A 76 14.53 1.01 -36.96
N GLY A 77 15.84 0.84 -37.11
CA GLY A 77 16.79 1.91 -36.83
C GLY A 77 17.10 2.11 -35.36
N ILE A 78 17.76 1.11 -34.77
CA ILE A 78 18.09 1.19 -33.35
C ILE A 78 19.53 0.77 -33.09
N CYS A 79 20.32 1.69 -32.53
CA CYS A 79 21.72 1.43 -32.21
C CYS A 79 21.85 0.32 -31.19
N GLY A 80 21.14 0.46 -30.07
CA GLY A 80 21.17 -0.53 -29.02
C GLY A 80 20.04 -0.33 -28.04
N ILE A 81 20.14 -0.96 -26.87
CA ILE A 81 19.09 -0.87 -25.87
C ILE A 81 19.67 -0.54 -24.49
N ARG A 82 18.89 0.14 -23.67
CA ARG A 82 19.32 0.44 -22.31
C ARG A 82 18.42 -0.26 -21.30
N SER A 83 19.06 -0.83 -20.28
CA SER A 83 18.35 -1.61 -19.27
C SER A 83 17.60 -0.70 -18.30
N VAL A 84 16.51 -1.22 -17.77
CA VAL A 84 15.71 -0.48 -16.80
C VAL A 84 16.26 -0.74 -15.41
N THR A 85 16.61 -2.00 -15.15
CA THR A 85 17.13 -2.40 -13.86
C THR A 85 18.48 -3.08 -13.97
N ARG A 86 19.11 -3.34 -12.83
CA ARG A 86 20.42 -3.99 -12.79
C ARG A 86 20.32 -5.42 -13.28
N LEU A 87 19.30 -6.13 -12.83
CA LEU A 87 19.14 -7.54 -13.17
C LEU A 87 18.92 -7.73 -14.67
N GLU A 88 18.25 -6.78 -15.30
CA GLU A 88 18.06 -6.82 -16.74
C GLU A 88 19.41 -6.74 -17.44
N ASN A 89 20.24 -5.82 -16.98
CA ASN A 89 21.61 -5.69 -17.49
C ASN A 89 22.39 -6.99 -17.33
N LEU A 90 22.30 -7.59 -16.15
CA LEU A 90 22.99 -8.85 -15.89
C LEU A 90 22.50 -9.93 -16.85
N MET A 91 21.21 -9.90 -17.16
CA MET A 91 20.64 -10.84 -18.10
C MET A 91 21.23 -10.64 -19.49
N TRP A 92 21.21 -9.40 -19.96
CA TRP A 92 21.75 -9.06 -21.27
C TRP A 92 23.19 -9.52 -21.38
N LYS A 93 23.95 -9.34 -20.30
CA LYS A 93 25.32 -9.79 -20.26
C LYS A 93 25.40 -11.31 -20.41
N GLN A 94 24.68 -12.03 -19.54
CA GLN A 94 24.75 -13.49 -19.51
C GLN A 94 24.14 -14.15 -20.73
N ILE A 95 23.45 -13.38 -21.57
CA ILE A 95 22.73 -13.94 -22.71
C ILE A 95 23.30 -13.48 -24.05
N THR A 96 24.04 -12.38 -24.02
CA THR A 96 24.66 -11.81 -25.23
C THR A 96 25.38 -12.82 -26.14
N PRO A 97 26.24 -13.69 -25.57
CA PRO A 97 26.89 -14.65 -26.46
C PRO A 97 25.90 -15.55 -27.18
N GLU A 98 24.94 -16.09 -26.44
CA GLU A 98 23.92 -16.95 -27.03
C GLU A 98 23.14 -16.19 -28.08
N LEU A 99 22.81 -14.95 -27.79
CA LEU A 99 22.07 -14.11 -28.72
C LEU A 99 22.85 -13.88 -30.00
N ASN A 100 24.11 -13.49 -29.85
CA ASN A 100 25.01 -13.32 -30.99
C ASN A 100 25.19 -14.65 -31.70
N HIS A 101 25.24 -15.72 -30.92
CA HIS A 101 25.35 -17.05 -31.49
C HIS A 101 24.10 -17.35 -32.30
N ILE A 102 22.94 -17.15 -31.67
CA ILE A 102 21.66 -17.30 -32.34
C ILE A 102 21.56 -16.39 -33.56
N LEU A 103 21.98 -15.14 -33.39
CA LEU A 103 21.98 -14.18 -34.48
C LEU A 103 22.86 -14.67 -35.61
N SER A 104 23.95 -15.36 -35.26
CA SER A 104 24.82 -15.99 -36.24
C SER A 104 24.16 -17.26 -36.78
N GLU A 105 23.41 -17.95 -35.92
CA GLU A 105 22.70 -19.16 -36.33
C GLU A 105 21.67 -18.84 -37.39
N ASN A 106 21.13 -17.63 -37.32
CA ASN A 106 20.20 -17.15 -38.33
C ASN A 106 20.94 -16.46 -39.46
N GLU A 107 22.26 -16.46 -39.34
CA GLU A 107 23.15 -15.93 -40.37
C GLU A 107 22.87 -14.47 -40.70
N VAL A 108 22.36 -13.74 -39.71
CA VAL A 108 22.10 -12.32 -39.87
C VAL A 108 23.31 -11.53 -39.40
N LYS A 109 23.81 -10.64 -40.25
CA LYS A 109 25.00 -9.86 -39.93
C LYS A 109 24.75 -8.80 -38.86
N LEU A 110 25.16 -9.08 -37.64
CA LEU A 110 25.05 -8.13 -36.53
C LEU A 110 25.87 -8.56 -35.31
N THR A 111 26.57 -7.62 -34.71
CA THR A 111 27.38 -7.89 -33.53
C THR A 111 26.77 -7.20 -32.30
N ILE A 112 26.36 -8.00 -31.31
CA ILE A 112 25.74 -7.47 -30.10
C ILE A 112 26.78 -7.18 -29.03
N MET A 113 26.78 -5.93 -28.55
CA MET A 113 27.74 -5.52 -27.54
C MET A 113 27.05 -4.96 -26.31
N THR A 114 27.27 -5.59 -25.16
CA THR A 114 26.63 -5.20 -23.93
C THR A 114 27.59 -4.46 -23.02
N GLY A 115 27.18 -3.28 -22.55
CA GLY A 115 28.03 -2.50 -21.67
C GLY A 115 27.60 -2.59 -20.22
N ASP A 116 28.31 -1.87 -19.36
CA ASP A 116 27.99 -1.85 -17.94
C ASP A 116 27.01 -0.74 -17.60
N ILE A 117 26.48 -0.80 -16.39
CA ILE A 117 25.60 0.24 -15.88
C ILE A 117 26.31 1.02 -14.77
N LYS A 118 26.17 2.34 -14.77
CA LYS A 118 26.73 3.18 -13.72
C LYS A 118 25.83 4.38 -13.46
N GLY A 119 25.59 4.68 -12.20
CA GLY A 119 24.69 5.77 -11.83
C GLY A 119 23.29 5.53 -12.35
N ILE A 120 22.57 6.62 -12.62
CA ILE A 120 21.19 6.54 -13.08
C ILE A 120 21.08 5.88 -14.44
N MET A 121 20.20 4.88 -14.55
CA MET A 121 19.97 4.23 -15.82
C MET A 121 19.08 5.11 -16.66
N GLN A 122 19.67 5.80 -17.64
CA GLN A 122 18.92 6.69 -18.51
C GLN A 122 17.93 5.91 -19.36
N ALA A 123 16.78 6.51 -19.63
CA ALA A 123 15.71 5.86 -20.38
C ALA A 123 15.91 6.02 -21.89
N GLY A 124 15.29 5.14 -22.65
CA GLY A 124 15.34 5.20 -24.11
C GLY A 124 13.96 5.44 -24.70
N LYS A 125 13.89 6.33 -25.68
CA LYS A 125 12.60 6.70 -26.24
C LYS A 125 12.05 5.63 -27.17
N ARG A 126 12.94 4.90 -27.85
CA ARG A 126 12.51 3.78 -28.67
C ARG A 126 12.06 2.65 -27.78
N SER A 127 11.51 1.61 -28.38
CA SER A 127 11.08 0.44 -27.62
C SER A 127 10.92 -0.76 -28.56
N LEU A 128 11.32 -1.93 -28.07
CA LEU A 128 11.26 -3.15 -28.88
C LEU A 128 9.82 -3.54 -29.24
N ARG A 129 9.65 -4.12 -30.42
CA ARG A 129 8.35 -4.65 -30.84
C ARG A 129 8.42 -6.17 -30.98
N PRO A 130 7.45 -6.88 -30.37
CA PRO A 130 7.40 -8.34 -30.47
C PRO A 130 6.93 -8.78 -31.86
N GLN A 131 7.42 -9.92 -32.33
CA GLN A 131 7.03 -10.45 -33.64
C GLN A 131 6.33 -11.79 -33.52
N HIS A 153 32.91 -2.95 -40.89
CA HIS A 153 32.30 -4.13 -41.49
C HIS A 153 30.96 -4.47 -40.83
N ASN A 154 31.01 -5.43 -39.91
CA ASN A 154 29.80 -5.92 -39.25
C ASN A 154 29.11 -4.84 -38.44
N GLN A 155 27.79 -4.91 -38.35
CA GLN A 155 27.03 -3.94 -37.60
C GLN A 155 27.18 -4.17 -36.10
N THR A 156 26.80 -3.16 -35.32
CA THR A 156 27.00 -3.22 -33.88
C THR A 156 25.75 -2.81 -33.10
N PHE A 157 25.34 -3.67 -32.16
CA PHE A 157 24.19 -3.36 -31.31
C PHE A 157 24.63 -3.13 -29.87
N LEU A 158 24.56 -1.88 -29.43
CA LEU A 158 25.12 -1.47 -28.15
C LEU A 158 24.12 -1.54 -26.99
N ILE A 159 24.15 -2.63 -26.25
CA ILE A 159 23.34 -2.75 -25.03
C ILE A 159 24.05 -2.06 -23.87
N ASP A 160 23.37 -1.13 -23.22
CA ASP A 160 23.93 -0.40 -22.09
C ASP A 160 25.27 0.25 -22.41
N GLY A 161 26.16 0.28 -21.42
CA GLY A 161 27.43 0.95 -21.56
C GLY A 161 27.27 2.43 -21.32
N PRO A 162 28.30 3.22 -21.65
CA PRO A 162 28.25 4.67 -21.48
C PRO A 162 27.64 5.35 -22.69
N GLU A 163 27.40 6.66 -22.58
CA GLU A 163 26.83 7.44 -23.66
C GLU A 163 27.77 7.53 -24.87
N THR A 164 27.22 7.95 -26.00
CA THR A 164 28.01 8.14 -27.22
C THR A 164 27.29 9.04 -28.21
N ALA A 165 28.02 9.57 -29.18
CA ALA A 165 27.43 10.40 -30.22
C ALA A 165 26.86 9.54 -31.35
N GLU A 166 27.44 8.36 -31.54
CA GLU A 166 26.98 7.44 -32.58
C GLU A 166 25.59 6.90 -32.26
N CYS A 167 25.28 6.80 -30.97
CA CYS A 167 23.99 6.30 -30.52
C CYS A 167 23.42 7.14 -29.38
N PRO A 168 22.36 7.90 -29.68
CA PRO A 168 21.69 8.75 -28.69
C PRO A 168 20.77 7.91 -27.82
N ASN A 169 20.38 8.44 -26.66
CA ASN A 169 19.47 7.72 -25.77
C ASN A 169 18.10 7.56 -26.42
N THR A 170 17.77 8.47 -27.33
CA THR A 170 16.47 8.43 -28.00
C THR A 170 16.41 7.31 -29.02
N ASN A 171 17.56 6.76 -29.40
CA ASN A 171 17.61 5.63 -30.31
C ASN A 171 17.71 4.30 -29.58
N ARG A 172 17.84 4.37 -28.26
CA ARG A 172 17.92 3.18 -27.43
C ARG A 172 16.52 2.71 -27.06
N ALA A 173 16.35 1.41 -26.93
CA ALA A 173 15.08 0.86 -26.45
C ALA A 173 15.14 0.64 -24.94
N TRP A 174 14.01 0.84 -24.26
CA TRP A 174 13.98 0.81 -22.81
C TRP A 174 12.58 0.54 -22.28
N ASN A 175 12.49 -0.20 -21.18
CA ASN A 175 11.22 -0.59 -20.58
C ASN A 175 10.35 -1.31 -21.58
N SER A 176 10.90 -2.35 -22.20
CA SER A 176 10.19 -3.12 -23.20
C SER A 176 10.21 -4.61 -22.85
N LEU A 177 10.53 -4.91 -21.60
CA LEU A 177 10.50 -6.29 -21.12
C LEU A 177 9.79 -6.42 -19.77
N GLU A 178 8.70 -7.19 -19.74
CA GLU A 178 7.94 -7.40 -18.53
C GLU A 178 8.08 -8.82 -17.98
N VAL A 179 7.49 -9.06 -16.82
CA VAL A 179 7.55 -10.36 -16.17
C VAL A 179 6.38 -11.24 -16.58
N GLU A 180 6.66 -12.47 -16.97
CA GLU A 180 5.61 -13.45 -17.20
C GLU A 180 5.27 -14.14 -15.89
N ASP A 181 6.27 -14.72 -15.25
CA ASP A 181 6.07 -15.36 -13.95
C ASP A 181 7.38 -15.69 -13.25
N TYR A 182 7.27 -16.42 -12.14
CA TYR A 182 8.44 -16.77 -11.34
C TYR A 182 8.71 -18.27 -11.35
N ASN A 190 14.95 -17.12 -10.21
CA ASN A 190 14.71 -17.21 -11.65
C ASN A 190 13.37 -16.64 -12.05
N ILE A 191 13.38 -15.75 -13.05
CA ILE A 191 12.16 -15.07 -13.47
C ILE A 191 11.90 -15.15 -14.96
N TRP A 192 10.79 -15.79 -15.32
CA TRP A 192 10.30 -15.83 -16.70
C TRP A 192 9.83 -14.45 -17.15
N LEU A 193 10.65 -13.80 -17.99
CA LEU A 193 10.32 -12.49 -18.53
C LEU A 193 9.75 -12.57 -19.95
N LYS A 194 9.19 -11.47 -20.44
CA LYS A 194 8.63 -11.42 -21.78
C LYS A 194 8.48 -10.00 -22.31
N LEU A 195 8.03 -9.88 -23.56
CA LEU A 195 7.80 -8.58 -24.18
C LEU A 195 6.61 -7.87 -23.54
N LYS A 196 6.57 -6.55 -23.68
CA LYS A 196 5.53 -5.74 -23.04
C LYS A 196 4.33 -5.46 -23.94
N GLU A 197 3.31 -4.84 -23.34
CA GLU A 197 2.14 -4.37 -24.06
C GLU A 197 2.55 -3.21 -24.96
N LYS A 198 2.98 -2.11 -24.34
CA LYS A 198 3.39 -0.91 -25.06
C LYS A 198 4.55 -0.20 -24.36
N GLN A 199 4.95 0.96 -24.88
CA GLN A 199 6.09 1.69 -24.34
C GLN A 199 5.70 2.70 -23.25
N ASP A 200 5.18 2.19 -22.14
CA ASP A 200 4.89 3.04 -20.99
C ASP A 200 6.18 3.36 -20.25
N VAL A 201 6.23 4.52 -19.61
CA VAL A 201 7.41 4.91 -18.86
C VAL A 201 7.30 4.50 -17.40
N PHE A 202 6.51 3.46 -17.14
CA PHE A 202 6.37 2.92 -15.81
C PHE A 202 7.29 1.72 -15.61
N CYS A 203 7.69 1.47 -14.38
CA CYS A 203 8.47 0.28 -14.05
C CYS A 203 7.53 -0.93 -14.06
N ASP A 204 8.08 -2.14 -14.05
CA ASP A 204 7.25 -3.34 -14.11
C ASP A 204 6.47 -3.57 -12.81
N SER A 205 5.16 -3.75 -12.95
CA SER A 205 4.26 -3.87 -11.82
C SER A 205 4.49 -5.14 -11.01
N LYS A 206 4.90 -6.20 -11.68
CA LYS A 206 5.10 -7.49 -11.04
C LYS A 206 6.35 -7.50 -10.16
N LEU A 207 7.17 -6.46 -10.30
CA LEU A 207 8.39 -6.32 -9.53
C LEU A 207 8.16 -5.45 -8.29
N MET A 208 7.32 -4.44 -8.46
CA MET A 208 7.02 -3.51 -7.37
C MET A 208 6.38 -4.23 -6.18
N SER A 209 6.45 -3.62 -5.02
CA SER A 209 5.78 -4.14 -3.82
C SER A 209 5.66 -3.03 -2.80
N ALA A 210 4.74 -3.20 -1.85
CA ALA A 210 4.53 -2.18 -0.83
C ALA A 210 3.86 -2.82 0.38
N ALA A 211 3.98 -2.18 1.53
CA ALA A 211 3.32 -2.67 2.74
C ALA A 211 3.29 -1.61 3.84
N ILE A 212 2.31 -1.72 4.73
CA ILE A 212 2.21 -0.81 5.87
C ILE A 212 1.51 -1.48 7.05
N LYS A 213 2.13 -1.38 8.23
CA LYS A 213 1.55 -1.93 9.46
C LYS A 213 2.34 -1.39 10.65
N ASP A 214 1.66 -1.20 11.77
CA ASP A 214 2.29 -0.72 13.00
C ASP A 214 3.11 0.55 12.79
N ASN A 215 2.52 1.50 12.05
CA ASN A 215 3.11 2.80 11.77
C ASN A 215 4.48 2.77 11.06
N ARG A 216 4.63 1.80 10.15
CA ARG A 216 5.83 1.73 9.32
C ARG A 216 5.45 1.40 7.90
N ALA A 217 5.71 2.33 6.98
CA ALA A 217 5.37 2.13 5.58
C ALA A 217 6.63 1.83 4.77
N VAL A 218 6.48 0.93 3.81
CA VAL A 218 7.60 0.53 2.97
C VAL A 218 7.16 0.40 1.51
N HIS A 219 7.89 1.08 0.63
CA HIS A 219 7.77 0.85 -0.79
C HIS A 219 9.02 0.14 -1.27
N ALA A 220 8.84 -1.04 -1.84
CA ALA A 220 9.97 -1.92 -2.13
C ALA A 220 10.03 -2.39 -3.57
N ASP A 221 11.23 -2.76 -3.97
CA ASP A 221 11.51 -3.17 -5.33
C ASP A 221 12.64 -4.16 -5.25
N MET A 222 13.14 -4.60 -6.39
CA MET A 222 14.28 -5.50 -6.43
C MET A 222 15.58 -4.73 -6.26
N GLY A 223 15.48 -3.41 -6.41
CA GLY A 223 16.66 -2.56 -6.30
C GLY A 223 16.44 -1.39 -5.35
N TYR A 224 15.20 -1.15 -4.97
CA TYR A 224 14.90 -0.08 -4.04
C TYR A 224 14.43 -0.63 -2.71
N TRP A 225 14.59 0.16 -1.66
CA TRP A 225 13.96 -0.15 -0.39
C TRP A 225 13.70 1.14 0.38
N ILE A 226 12.46 1.63 0.29
CA ILE A 226 12.10 2.94 0.82
C ILE A 226 11.21 2.81 2.05
N GLU A 227 11.64 3.44 3.14
CA GLU A 227 10.92 3.34 4.40
C GLU A 227 10.52 4.68 4.96
N SER A 228 9.27 4.76 5.41
CA SER A 228 8.77 5.91 6.14
C SER A 228 8.13 5.42 7.42
N ALA A 229 7.93 6.30 8.38
CA ALA A 229 7.35 5.92 9.66
C ALA A 229 6.49 7.03 10.25
N LEU A 230 5.87 6.76 11.39
CA LEU A 230 5.04 7.74 12.07
C LEU A 230 5.64 8.15 13.40
N ASN A 231 6.46 9.20 13.38
CA ASN A 231 6.90 9.84 14.60
C ASN A 231 6.35 11.26 14.58
N ASP A 232 5.26 11.46 15.32
CA ASP A 232 4.45 12.70 15.28
C ASP A 232 3.71 12.89 13.95
N THR A 233 4.38 12.55 12.84
CA THR A 233 3.76 12.60 11.53
C THR A 233 4.44 11.61 10.58
N TRP A 234 3.75 11.27 9.48
CA TRP A 234 4.30 10.35 8.48
C TRP A 234 5.31 11.03 7.59
N LYS A 235 6.55 10.53 7.64
CA LYS A 235 7.63 11.09 6.85
C LYS A 235 8.63 10.01 6.47
N ILE A 236 9.29 10.19 5.34
CA ILE A 236 10.30 9.25 4.89
C ILE A 236 11.42 9.10 5.93
N GLU A 237 11.93 7.88 6.08
CA GLU A 237 12.98 7.62 7.04
C GLU A 237 14.25 7.12 6.37
N LYS A 238 14.14 6.04 5.61
CA LYS A 238 15.32 5.45 5.01
C LYS A 238 15.12 5.12 3.54
N ALA A 239 16.22 4.89 2.84
CA ALA A 239 16.17 4.55 1.43
C ALA A 239 17.40 3.73 1.06
N SER A 240 17.20 2.65 0.33
CA SER A 240 18.31 1.79 -0.07
C SER A 240 18.28 1.61 -1.57
N PHE A 241 19.45 1.70 -2.20
CA PHE A 241 19.53 1.64 -3.65
C PHE A 241 20.67 0.75 -4.14
N ILE A 242 20.35 -0.17 -5.04
CA ILE A 242 21.35 -0.99 -5.72
C ILE A 242 21.48 -0.41 -7.13
N GLU A 243 20.41 0.28 -7.53
CA GLU A 243 20.29 0.82 -8.86
C GLU A 243 19.57 2.14 -8.78
N VAL A 244 19.68 2.95 -9.83
CA VAL A 244 18.80 4.10 -10.01
C VAL A 244 18.24 4.05 -11.41
N LYS A 245 16.91 4.06 -11.51
CA LYS A 245 16.24 3.88 -12.79
C LYS A 245 15.38 5.08 -13.16
N ASN A 246 15.09 5.22 -14.45
CA ASN A 246 14.42 6.39 -14.95
C ASN A 246 12.93 6.17 -15.19
N CYS A 247 12.42 5.01 -14.76
CA CYS A 247 11.00 4.71 -14.95
C CYS A 247 10.16 5.34 -13.87
N HIS A 248 8.84 5.21 -14.00
CA HIS A 248 7.93 5.79 -13.03
C HIS A 248 7.31 4.72 -12.14
N TRP A 249 7.18 5.03 -10.86
CA TRP A 249 6.60 4.11 -9.91
C TRP A 249 5.08 4.11 -10.08
N PRO A 250 4.52 2.97 -10.49
CA PRO A 250 3.08 2.83 -10.72
C PRO A 250 2.25 3.16 -9.49
N LYS A 251 1.15 3.88 -9.69
CA LYS A 251 0.30 4.30 -8.58
C LYS A 251 -0.57 3.16 -8.05
N SER A 252 -0.64 2.06 -8.80
CA SER A 252 -1.34 0.88 -8.32
C SER A 252 -0.62 0.32 -7.10
N HIS A 253 0.71 0.30 -7.17
CA HIS A 253 1.54 -0.20 -6.09
C HIS A 253 2.05 0.95 -5.23
N THR A 254 1.25 2.00 -5.08
CA THR A 254 1.68 3.17 -4.32
C THR A 254 0.73 3.47 -3.18
N LEU A 255 1.30 3.74 -2.00
CA LEU A 255 0.52 3.99 -0.79
C LEU A 255 0.35 5.47 -0.53
N TRP A 256 -0.90 5.90 -0.36
CA TRP A 256 -1.19 7.30 -0.01
C TRP A 256 -0.75 8.23 -1.15
N SER A 257 -1.44 8.13 -2.28
CA SER A 257 -1.06 8.86 -3.49
C SER A 257 -1.92 10.09 -3.77
N ASN A 258 -2.88 10.34 -2.88
CA ASN A 258 -3.79 11.45 -3.03
C ASN A 258 -3.20 12.78 -2.58
N GLY A 259 -3.28 13.78 -3.46
CA GLY A 259 -2.82 15.12 -3.11
C GLY A 259 -1.35 15.17 -2.78
N VAL A 260 -0.54 14.59 -3.65
CA VAL A 260 0.90 14.55 -3.45
C VAL A 260 1.62 15.62 -4.28
N LEU A 261 2.24 16.57 -3.58
CA LEU A 261 3.01 17.62 -4.23
C LEU A 261 4.33 17.04 -4.74
N GLU A 262 4.50 17.03 -6.05
CA GLU A 262 5.72 16.51 -6.65
C GLU A 262 6.91 17.41 -6.33
N SER A 263 6.63 18.64 -5.90
CA SER A 263 7.67 19.57 -5.51
C SER A 263 8.15 19.30 -4.09
N GLU A 264 7.64 18.24 -3.48
CA GLU A 264 7.99 17.93 -2.10
C GLU A 264 8.51 16.50 -1.94
N MET A 265 8.19 15.64 -2.89
CA MET A 265 8.63 14.25 -2.81
C MET A 265 10.14 14.13 -3.03
N ILE A 266 10.82 13.66 -2.00
CA ILE A 266 12.28 13.55 -2.00
C ILE A 266 12.83 12.76 -3.18
N ILE A 267 12.42 11.50 -3.31
CA ILE A 267 12.84 10.68 -4.42
C ILE A 267 12.08 11.12 -5.67
N PRO A 268 12.81 11.63 -6.67
CA PRO A 268 12.22 12.17 -7.91
C PRO A 268 11.31 11.19 -8.65
N LYS A 269 10.19 11.70 -9.13
CA LYS A 269 9.23 10.90 -9.90
C LYS A 269 9.88 10.25 -11.11
N ASN A 270 10.63 11.03 -11.87
CA ASN A 270 11.31 10.52 -13.05
C ASN A 270 12.46 9.59 -12.66
N LEU A 271 12.69 9.46 -11.36
CA LEU A 271 13.66 8.51 -10.83
C LEU A 271 12.98 7.42 -10.00
N ALA A 272 11.85 6.93 -10.50
CA ALA A 272 11.08 5.88 -9.84
C ALA A 272 10.69 6.24 -8.41
N GLY A 273 10.56 7.53 -8.15
CA GLY A 273 10.12 7.99 -6.85
C GLY A 273 8.64 7.78 -6.67
N PRO A 274 8.24 7.19 -5.56
CA PRO A 274 6.82 6.95 -5.27
C PRO A 274 6.09 8.26 -5.06
N VAL A 275 5.04 8.48 -5.84
CA VAL A 275 4.22 9.68 -5.68
C VAL A 275 3.41 9.53 -4.40
N SER A 276 4.06 9.74 -3.27
CA SER A 276 3.42 9.50 -1.98
C SER A 276 3.78 10.54 -0.93
N GLN A 277 2.89 10.73 0.04
CA GLN A 277 3.15 11.62 1.15
C GLN A 277 4.01 10.90 2.18
N HIS A 278 4.39 9.68 1.86
CA HIS A 278 5.38 8.96 2.62
C HIS A 278 6.75 9.37 2.13
N ASN A 279 6.83 9.73 0.85
CA ASN A 279 8.06 10.22 0.24
C ASN A 279 8.25 11.69 0.60
N TYR A 280 7.71 12.08 1.75
CA TYR A 280 7.78 13.45 2.21
C TYR A 280 8.75 13.56 3.38
N ARG A 281 9.36 14.74 3.49
CA ARG A 281 10.15 15.10 4.65
C ARG A 281 10.08 16.61 4.83
N PRO A 282 9.62 17.05 6.00
CA PRO A 282 9.52 18.47 6.33
C PRO A 282 10.82 19.20 6.06
N GLY A 283 10.74 20.40 5.53
CA GLY A 283 11.93 21.16 5.19
C GLY A 283 12.79 20.50 4.13
N TYR A 284 12.15 19.86 3.17
CA TYR A 284 12.87 19.28 2.05
C TYR A 284 12.05 19.30 0.77
N HIS A 285 12.73 19.22 -0.37
CA HIS A 285 12.05 19.07 -1.65
C HIS A 285 12.70 17.95 -2.44
N THR A 286 12.33 17.83 -3.71
CA THR A 286 12.83 16.74 -4.54
C THR A 286 14.33 16.86 -4.72
N GLN A 287 15.05 15.77 -4.48
CA GLN A 287 16.50 15.75 -4.64
C GLN A 287 16.87 15.44 -6.09
N ILE A 288 16.47 16.32 -6.99
CA ILE A 288 16.75 16.14 -8.41
C ILE A 288 18.25 16.08 -8.66
N THR A 289 18.99 16.94 -7.96
CA THR A 289 20.44 16.98 -8.06
C THR A 289 21.06 16.39 -6.80
N GLY A 290 20.77 15.12 -6.55
CA GLY A 290 21.39 14.40 -5.45
C GLY A 290 22.48 13.49 -5.98
N PRO A 291 23.18 12.81 -5.08
CA PRO A 291 24.25 11.87 -5.47
C PRO A 291 23.70 10.56 -5.97
N TRP A 292 22.91 10.61 -7.03
CA TRP A 292 22.33 9.40 -7.61
C TRP A 292 23.29 8.83 -8.62
N HIS A 293 24.40 9.54 -8.84
CA HIS A 293 25.43 9.13 -9.78
C HIS A 293 26.28 8.00 -9.20
N LEU A 294 25.93 7.61 -7.97
CA LEU A 294 26.62 6.52 -7.29
C LEU A 294 26.08 5.19 -7.77
N GLY A 295 24.81 5.16 -8.15
CA GLY A 295 24.17 3.92 -8.53
C GLY A 295 23.71 3.13 -7.32
N LYS A 296 24.61 2.95 -6.37
CA LYS A 296 24.30 2.22 -5.14
C LYS A 296 24.59 3.10 -3.92
N LEU A 297 23.53 3.43 -3.17
CA LEU A 297 23.66 4.33 -2.01
C LEU A 297 22.62 4.02 -0.94
N GLU A 298 22.74 4.73 0.19
CA GLU A 298 21.86 4.52 1.33
C GLU A 298 21.49 5.86 1.96
N MET A 299 20.29 6.34 1.62
CA MET A 299 19.80 7.60 2.17
C MET A 299 19.23 7.39 3.57
N ASP A 300 19.58 8.28 4.48
CA ASP A 300 19.01 8.26 5.82
C ASP A 300 18.96 9.66 6.39
N PHE A 301 18.46 9.79 7.61
CA PHE A 301 18.32 11.11 8.21
C PHE A 301 19.09 11.23 9.52
N ASP A 302 20.38 11.52 9.39
CA ASP A 302 21.29 11.66 10.51
C ASP A 302 22.46 12.52 10.04
N PHE A 303 23.35 12.87 10.95
CA PHE A 303 24.53 13.63 10.59
C PHE A 303 25.58 12.72 9.99
N CYS A 304 26.27 13.19 8.96
CA CYS A 304 27.43 12.49 8.45
C CYS A 304 28.44 12.41 9.57
N ASP A 305 29.26 11.35 9.56
CA ASP A 305 30.25 11.16 10.61
C ASP A 305 31.24 12.32 10.66
N GLY A 306 31.37 12.94 11.83
CA GLY A 306 32.32 14.02 12.02
C GLY A 306 31.89 15.36 11.47
N THR A 307 30.60 15.50 11.17
CA THR A 307 30.08 16.76 10.65
C THR A 307 28.98 17.34 11.54
N THR A 308 28.81 18.65 11.46
CA THR A 308 27.77 19.33 12.23
C THR A 308 26.94 20.22 11.31
N VAL A 309 25.62 20.08 11.39
CA VAL A 309 24.73 20.90 10.57
C VAL A 309 23.81 21.73 11.48
N VAL A 310 23.68 23.02 11.18
CA VAL A 310 22.79 23.88 11.93
C VAL A 310 21.80 24.56 10.98
N VAL A 311 20.73 25.10 11.54
CA VAL A 311 19.75 25.81 10.73
C VAL A 311 19.96 27.31 10.87
N THR A 312 20.09 28.01 9.76
CA THR A 312 20.25 29.46 9.79
C THR A 312 19.82 30.12 8.50
N GLU A 313 19.34 31.35 8.62
CA GLU A 313 19.01 32.17 7.45
C GLU A 313 20.28 32.54 6.71
N ASP A 314 21.38 32.68 7.47
CA ASP A 314 22.66 33.07 6.91
C ASP A 314 23.20 32.07 5.89
N CYS A 315 22.67 30.86 5.91
CA CYS A 315 23.11 29.84 4.97
C CYS A 315 22.63 30.20 3.56
N GLY A 316 23.26 29.62 2.55
CA GLY A 316 22.91 29.90 1.17
C GLY A 316 21.64 29.19 0.73
N ASN A 317 21.40 29.16 -0.58
CA ASN A 317 20.23 28.49 -1.14
C ASN A 317 20.53 27.03 -1.49
N ARG A 318 19.48 26.26 -1.77
CA ARG A 318 19.63 24.85 -2.13
C ARG A 318 20.28 24.68 -3.49
N GLY A 319 21.27 23.79 -3.56
CA GLY A 319 21.93 23.47 -4.81
C GLY A 319 22.31 22.00 -4.87
N PRO A 320 23.16 21.62 -5.84
CA PRO A 320 23.61 20.23 -6.00
C PRO A 320 24.19 19.69 -4.70
N SER A 321 23.89 18.43 -4.39
CA SER A 321 24.39 17.81 -3.16
C SER A 321 25.90 17.86 -3.12
N LEU A 322 26.44 18.01 -1.92
CA LEU A 322 27.89 18.07 -1.75
C LEU A 322 28.33 16.95 -0.82
N ARG A 323 29.61 16.62 -0.87
CA ARG A 323 30.17 15.60 0.01
C ARG A 323 31.00 16.22 1.11
N THR A 324 31.11 15.52 2.24
CA THR A 324 31.89 15.98 3.38
C THR A 324 33.37 16.02 3.02
N THR A 325 33.83 14.98 2.34
CA THR A 325 35.23 14.88 1.95
C THR A 325 35.50 15.66 0.66
N THR A 326 36.49 16.53 0.71
CA THR A 326 36.94 17.27 -0.46
C THR A 326 37.59 16.30 -1.42
N ALA A 327 37.71 16.69 -2.69
CA ALA A 327 38.45 15.90 -3.66
C ALA A 327 39.89 15.71 -3.18
N SER A 328 40.41 16.72 -2.50
CA SER A 328 41.75 16.67 -1.93
C SER A 328 41.79 15.84 -0.66
N GLY A 329 40.62 15.57 -0.08
CA GLY A 329 40.55 14.76 1.12
C GLY A 329 40.26 15.56 2.37
N LYS A 330 40.12 16.87 2.21
CA LYS A 330 39.85 17.75 3.35
C LYS A 330 38.43 17.57 3.86
N LEU A 331 38.28 17.54 5.18
CA LEU A 331 36.96 17.35 5.77
C LEU A 331 36.35 18.66 6.23
N ILE A 332 35.07 18.85 5.93
CA ILE A 332 34.32 19.99 6.45
C ILE A 332 33.41 19.50 7.55
N THR A 333 33.37 20.24 8.65
CA THR A 333 32.60 19.83 9.82
C THR A 333 31.41 20.75 10.03
N GLU A 334 31.50 21.97 9.49
CA GLU A 334 30.46 22.96 9.72
C GLU A 334 29.55 23.13 8.53
N TRP A 335 28.27 22.79 8.71
CA TRP A 335 27.28 22.90 7.66
C TRP A 335 26.05 23.67 8.13
N CYS A 336 25.22 24.08 7.19
CA CYS A 336 24.03 24.85 7.49
C CYS A 336 22.93 24.55 6.49
N CYS A 337 21.70 24.85 6.87
CA CYS A 337 20.57 24.83 5.96
C CYS A 337 19.67 26.00 6.32
N ARG A 338 18.90 26.47 5.36
CA ARG A 338 18.10 27.67 5.57
C ARG A 338 16.74 27.33 6.15
N SER A 339 16.26 26.12 5.89
CA SER A 339 14.94 25.70 6.32
C SER A 339 14.79 24.19 6.52
N CYS A 340 15.89 23.45 6.35
CA CYS A 340 15.85 21.99 6.50
C CYS A 340 15.42 21.57 7.90
N THR A 341 15.09 20.29 8.06
CA THR A 341 14.62 19.79 9.34
C THR A 341 15.55 18.74 9.95
N LEU A 342 16.40 19.19 10.86
CA LEU A 342 17.31 18.33 11.61
C LEU A 342 16.52 17.19 12.25
N PRO A 343 17.06 15.96 12.23
CA PRO A 343 18.33 15.53 11.64
C PRO A 343 18.33 15.60 10.12
N PRO A 344 19.51 15.90 9.54
CA PRO A 344 19.63 16.24 8.12
C PRO A 344 19.57 15.04 7.18
N LEU A 345 19.22 15.31 5.93
CA LEU A 345 19.18 14.28 4.90
C LEU A 345 20.60 13.98 4.47
N ARG A 346 21.03 12.74 4.69
CA ARG A 346 22.37 12.34 4.25
C ARG A 346 22.34 11.10 3.37
N TYR A 347 23.37 10.97 2.54
CA TYR A 347 23.53 9.82 1.67
C TYR A 347 24.84 9.12 2.01
N ARG A 348 24.77 7.81 2.20
CA ARG A 348 25.99 7.04 2.44
C ARG A 348 26.29 6.15 1.24
N GLY A 349 27.44 6.37 0.62
CA GLY A 349 27.81 5.61 -0.56
C GLY A 349 29.28 5.24 -0.64
N GLU A 350 29.78 5.14 -1.87
CA GLU A 350 31.14 4.72 -2.14
C GLU A 350 32.17 5.75 -1.67
N ASP A 351 32.10 6.94 -2.26
CA ASP A 351 33.05 8.00 -1.97
C ASP A 351 32.87 8.62 -0.59
N GLY A 352 31.90 8.12 0.17
CA GLY A 352 31.68 8.62 1.52
C GLY A 352 30.30 9.25 1.67
N CYS A 353 30.17 10.12 2.66
CA CYS A 353 28.88 10.74 2.97
C CYS A 353 28.61 11.98 2.11
N TRP A 354 27.35 12.23 1.81
CA TRP A 354 26.92 13.46 1.14
C TRP A 354 25.73 14.05 1.89
N TYR A 355 25.47 15.33 1.70
CA TYR A 355 24.32 15.98 2.32
C TYR A 355 23.27 16.39 1.30
N GLY A 356 22.03 16.54 1.76
CA GLY A 356 20.94 16.94 0.91
C GLY A 356 21.17 18.27 0.24
N MET A 357 20.38 18.54 -0.80
CA MET A 357 20.51 19.76 -1.60
C MET A 357 20.34 21.01 -0.75
N GLU A 358 19.58 20.86 0.34
CA GLU A 358 19.27 21.97 1.23
C GLU A 358 20.47 22.33 2.09
N ILE A 359 21.43 21.43 2.18
CA ILE A 359 22.57 21.61 3.06
C ILE A 359 23.77 22.17 2.32
N ARG A 360 24.28 23.30 2.80
CA ARG A 360 25.49 23.88 2.21
C ARG A 360 26.51 24.07 3.32
N PRO A 361 27.80 24.21 2.96
CA PRO A 361 28.78 24.46 4.03
C PRO A 361 28.61 25.85 4.62
N LEU A 362 28.94 26.00 5.89
CA LEU A 362 28.72 27.25 6.62
C LEU A 362 29.64 28.37 6.13
N LYS A 363 30.94 28.11 6.19
CA LYS A 363 31.94 29.12 5.87
C LYS A 363 32.74 28.76 4.62
N GLU A 364 32.92 27.47 4.39
CA GLU A 364 33.68 27.01 3.23
C GLU A 364 33.00 27.38 1.92
N LYS A 365 33.81 27.65 0.89
CA LYS A 365 33.29 27.97 -0.42
C LYS A 365 32.84 26.71 -1.12
N GLU A 366 31.71 26.78 -1.83
CA GLU A 366 31.13 25.60 -2.46
C GLU A 366 32.01 25.02 -3.57
N GLU A 367 32.79 25.89 -4.21
CA GLU A 367 33.64 25.47 -5.31
C GLU A 367 34.73 24.52 -4.85
N ASN A 368 35.09 24.61 -3.58
CA ASN A 368 36.11 23.77 -3.00
C ASN A 368 35.66 22.32 -2.89
N LEU A 369 34.35 22.10 -2.99
CA LEU A 369 33.78 20.76 -2.80
C LEU A 369 33.45 20.07 -4.11
N VAL A 370 32.98 18.82 -3.98
CA VAL A 370 32.51 18.07 -5.13
C VAL A 370 31.00 17.96 -5.07
N ASN A 371 30.33 18.13 -6.21
CA ASN A 371 28.89 18.02 -6.29
C ASN A 371 28.44 17.06 -7.39
N SER A 372 27.15 17.06 -7.67
CA SER A 372 26.59 16.22 -8.73
C SER A 372 26.93 16.79 -10.10
N LEU A 373 27.82 16.11 -10.80
CA LEU A 373 28.32 16.60 -12.08
C LEU A 373 27.49 16.05 -13.24
N ASP B 25 12.55 -7.64 11.55
CA ASP B 25 11.41 -8.54 11.36
C ASP B 25 11.74 -9.62 10.34
N SER B 26 12.35 -10.71 10.81
CA SER B 26 12.75 -11.80 9.92
C SER B 26 11.90 -13.04 10.15
N GLY B 27 11.77 -13.86 9.11
CA GLY B 27 10.97 -15.07 9.21
C GLY B 27 10.85 -15.82 7.89
N CYS B 28 10.11 -16.93 7.92
CA CYS B 28 9.91 -17.73 6.73
C CYS B 28 8.42 -18.02 6.51
N VAL B 29 7.99 -17.90 5.26
CA VAL B 29 6.59 -18.14 4.90
C VAL B 29 6.52 -19.09 3.71
N VAL B 30 5.45 -19.87 3.61
CA VAL B 30 5.29 -20.82 2.51
C VAL B 30 3.99 -20.61 1.74
N SER B 31 4.09 -20.55 0.41
CA SER B 31 2.91 -20.44 -0.44
C SER B 31 2.60 -21.77 -1.11
N TRP B 32 1.44 -22.34 -0.77
CA TRP B 32 1.03 -23.63 -1.30
C TRP B 32 0.76 -23.57 -2.80
N LYS B 33 -0.06 -22.62 -3.21
CA LYS B 33 -0.44 -22.46 -4.59
C LYS B 33 0.78 -22.16 -5.46
N ASN B 34 1.62 -21.24 -5.01
CA ASN B 34 2.84 -20.90 -5.72
C ASN B 34 3.85 -22.04 -5.60
N LYS B 35 3.60 -22.94 -4.64
CA LYS B 35 4.48 -24.07 -4.38
C LYS B 35 5.89 -23.58 -4.08
N GLU B 36 5.97 -22.46 -3.37
CA GLU B 36 7.26 -21.84 -3.08
C GLU B 36 7.25 -21.21 -1.70
N LEU B 37 8.36 -21.32 -0.99
CA LEU B 37 8.53 -20.67 0.31
C LEU B 37 9.73 -19.74 0.27
N LYS B 38 9.78 -18.81 1.22
CA LYS B 38 10.83 -17.79 1.24
C LYS B 38 11.15 -17.34 2.66
N CYS B 39 12.41 -17.04 2.91
CA CYS B 39 12.87 -16.55 4.20
C CYS B 39 13.51 -15.17 4.05
N GLY B 40 13.57 -14.43 5.15
CA GLY B 40 14.30 -13.17 5.14
C GLY B 40 13.66 -12.09 6.00
N SER B 41 14.05 -10.85 5.75
CA SER B 41 13.52 -9.70 6.46
C SER B 41 12.35 -9.09 5.71
N GLY B 42 11.71 -8.08 6.30
CA GLY B 42 10.63 -7.39 5.64
C GLY B 42 9.42 -7.08 6.50
N ILE B 43 8.22 -7.19 5.92
CA ILE B 43 6.98 -6.92 6.65
C ILE B 43 5.89 -7.95 6.36
N PHE B 44 5.29 -8.50 7.42
CA PHE B 44 4.24 -9.50 7.28
C PHE B 44 2.88 -8.98 7.72
N ILE B 45 1.89 -9.09 6.84
CA ILE B 45 0.52 -8.73 7.17
C ILE B 45 -0.27 -10.01 7.43
N THR B 46 -0.94 -10.08 8.58
CA THR B 46 -1.68 -11.29 8.96
C THR B 46 -3.18 -11.11 8.82
N ASP B 47 -3.83 -12.09 8.20
CA ASP B 47 -5.29 -12.07 8.10
C ASP B 47 -5.89 -12.39 9.46
N ASN B 48 -6.29 -11.35 10.18
CA ASN B 48 -6.86 -11.50 11.52
C ASN B 48 -8.33 -11.88 11.45
N VAL B 49 -8.87 -11.90 10.24
CA VAL B 49 -10.29 -12.21 10.03
C VAL B 49 -10.54 -13.71 10.01
N HIS B 50 -9.77 -14.42 9.21
CA HIS B 50 -9.93 -15.87 9.11
C HIS B 50 -9.05 -16.59 10.11
N THR B 51 -8.89 -15.98 11.28
CA THR B 51 -8.20 -16.61 12.39
C THR B 51 -9.19 -17.45 13.20
N TRP B 52 -8.90 -18.74 13.34
CA TRP B 52 -9.74 -19.65 14.10
C TRP B 52 -9.87 -19.21 15.56
N THR B 53 -8.79 -18.65 16.08
CA THR B 53 -8.76 -18.18 17.46
C THR B 53 -8.80 -16.66 17.51
N GLU B 54 -9.57 -16.13 18.46
CA GLU B 54 -9.64 -14.69 18.67
C GLU B 54 -8.39 -14.23 19.41
N GLN B 55 -7.31 -14.02 18.65
CA GLN B 55 -6.01 -13.76 19.24
C GLN B 55 -5.95 -12.44 19.99
N TYR B 56 -6.76 -11.49 19.56
CA TYR B 56 -6.64 -10.12 20.06
C TYR B 56 -7.68 -9.74 21.11
N LYS B 57 -7.26 -8.90 22.06
CA LYS B 57 -8.17 -8.37 23.07
C LYS B 57 -7.86 -6.90 23.37
N PHE B 58 -8.91 -6.10 23.55
CA PHE B 58 -8.76 -4.68 23.86
C PHE B 58 -8.74 -4.44 25.36
N GLN B 59 -7.73 -3.71 25.83
CA GLN B 59 -7.62 -3.36 27.24
C GLN B 59 -7.13 -1.92 27.42
N PRO B 60 -7.78 -1.18 28.33
CA PRO B 60 -7.48 0.24 28.51
C PRO B 60 -6.15 0.47 29.20
N GLU B 61 -5.74 1.74 29.29
CA GLU B 61 -4.56 2.09 30.07
C GLU B 61 -4.94 2.25 31.52
N SER B 62 -5.90 3.14 31.76
CA SER B 62 -6.37 3.42 33.11
C SER B 62 -7.89 3.54 33.11
N PRO B 63 -8.56 2.43 33.44
CA PRO B 63 -10.03 2.35 33.52
C PRO B 63 -10.62 3.48 34.36
N SER B 64 -9.89 3.92 35.38
CA SER B 64 -10.33 5.03 36.20
C SER B 64 -10.48 6.31 35.37
N LYS B 65 -9.54 6.54 34.46
CA LYS B 65 -9.59 7.70 33.59
C LYS B 65 -10.79 7.60 32.66
N LEU B 66 -11.06 6.38 32.20
CA LEU B 66 -12.21 6.13 31.35
C LEU B 66 -13.48 6.52 32.09
N ALA B 67 -13.60 6.05 33.31
CA ALA B 67 -14.75 6.36 34.16
C ALA B 67 -14.90 7.86 34.37
N SER B 68 -13.77 8.52 34.58
CA SER B 68 -13.74 9.97 34.75
C SER B 68 -14.30 10.66 33.51
N ALA B 69 -13.87 10.17 32.35
CA ALA B 69 -14.34 10.70 31.08
C ALA B 69 -15.84 10.48 30.90
N ILE B 70 -16.33 9.35 31.39
CA ILE B 70 -17.75 9.04 31.33
C ILE B 70 -18.54 10.02 32.21
N GLN B 71 -18.07 10.25 33.42
CA GLN B 71 -18.73 11.18 34.33
C GLN B 71 -18.77 12.59 33.74
N LYS B 72 -17.63 13.04 33.24
CA LYS B 72 -17.53 14.36 32.63
C LYS B 72 -18.47 14.49 31.43
N ALA B 73 -18.51 13.46 30.60
CA ALA B 73 -19.34 13.48 29.39
C ALA B 73 -20.83 13.48 29.73
N HIS B 74 -21.22 12.69 30.71
CA HIS B 74 -22.61 12.64 31.16
C HIS B 74 -22.99 14.00 31.71
N GLU B 75 -22.11 14.59 32.50
CA GLU B 75 -22.31 15.93 33.05
C GLU B 75 -22.51 16.94 31.92
N GLU B 76 -21.76 16.75 30.84
CA GLU B 76 -21.89 17.60 29.66
C GLU B 76 -23.29 17.46 29.06
N GLY B 77 -23.91 16.31 29.28
CA GLY B 77 -25.25 16.07 28.79
C GLY B 77 -25.33 14.94 27.79
N ILE B 78 -24.34 14.06 27.79
CA ILE B 78 -24.34 12.93 26.88
C ILE B 78 -25.20 11.79 27.43
N CYS B 79 -25.76 10.98 26.52
CA CYS B 79 -26.68 9.91 26.91
C CYS B 79 -26.01 8.55 26.83
N GLY B 80 -25.13 8.36 25.86
CA GLY B 80 -24.44 7.11 25.69
C GLY B 80 -23.29 7.18 24.69
N ILE B 81 -22.62 6.06 24.48
CA ILE B 81 -21.56 5.99 23.47
C ILE B 81 -21.75 4.79 22.55
N ARG B 82 -21.08 4.81 21.41
CA ARG B 82 -21.13 3.69 20.49
C ARG B 82 -19.73 3.23 20.13
N SER B 83 -19.49 1.92 20.27
CA SER B 83 -18.23 1.32 19.86
C SER B 83 -17.94 1.64 18.40
N VAL B 84 -16.67 1.57 18.02
CA VAL B 84 -16.28 1.75 16.63
C VAL B 84 -16.08 0.38 16.01
N THR B 85 -15.45 -0.50 16.77
CA THR B 85 -15.13 -1.84 16.29
C THR B 85 -15.64 -2.93 17.24
N ARG B 86 -15.56 -4.19 16.80
CA ARG B 86 -16.03 -5.34 17.54
C ARG B 86 -15.33 -5.51 18.89
N LEU B 87 -14.02 -5.72 18.84
CA LEU B 87 -13.22 -5.96 20.04
C LEU B 87 -13.30 -4.82 21.05
N GLU B 88 -13.65 -3.63 20.57
CA GLU B 88 -13.88 -2.50 21.45
C GLU B 88 -15.11 -2.78 22.30
N ASN B 89 -16.20 -3.13 21.63
CA ASN B 89 -17.42 -3.53 22.30
C ASN B 89 -17.16 -4.68 23.27
N LEU B 90 -16.31 -5.62 22.85
CA LEU B 90 -15.90 -6.73 23.71
C LEU B 90 -15.22 -6.22 24.97
N MET B 91 -14.34 -5.24 24.82
CA MET B 91 -13.67 -4.63 25.96
C MET B 91 -14.68 -3.99 26.91
N TRP B 92 -15.59 -3.21 26.34
CA TRP B 92 -16.65 -2.60 27.13
C TRP B 92 -17.40 -3.65 27.93
N LYS B 93 -17.77 -4.75 27.29
CA LYS B 93 -18.46 -5.83 27.98
C LYS B 93 -17.58 -6.54 29.01
N GLN B 94 -16.27 -6.45 28.83
CA GLN B 94 -15.32 -7.13 29.71
C GLN B 94 -14.90 -6.28 30.90
N ILE B 95 -15.23 -4.99 30.87
CA ILE B 95 -14.79 -4.08 31.93
C ILE B 95 -15.94 -3.26 32.52
N THR B 96 -17.14 -3.41 31.97
CA THR B 96 -18.32 -2.70 32.47
C THR B 96 -18.60 -2.88 33.96
N PRO B 97 -18.64 -4.14 34.46
CA PRO B 97 -18.92 -4.26 35.88
C PRO B 97 -17.84 -3.60 36.73
N GLU B 98 -16.59 -3.72 36.31
CA GLU B 98 -15.50 -3.06 37.03
C GLU B 98 -15.67 -1.54 36.96
N LEU B 99 -16.07 -1.05 35.79
CA LEU B 99 -16.31 0.37 35.60
C LEU B 99 -17.42 0.87 36.50
N ASN B 100 -18.59 0.23 36.42
CA ASN B 100 -19.71 0.58 37.27
C ASN B 100 -19.37 0.45 38.75
N HIS B 101 -18.41 -0.43 39.06
CA HIS B 101 -17.93 -0.57 40.42
C HIS B 101 -17.09 0.64 40.81
N ILE B 102 -16.21 1.06 39.92
CA ILE B 102 -15.36 2.22 40.13
C ILE B 102 -16.20 3.48 40.38
N LEU B 103 -17.26 3.64 39.60
CA LEU B 103 -18.15 4.78 39.71
C LEU B 103 -18.68 4.96 41.13
N SER B 104 -19.37 3.94 41.63
CA SER B 104 -19.95 3.97 42.96
C SER B 104 -18.88 4.25 44.02
N GLU B 105 -17.78 3.51 43.95
CA GLU B 105 -16.69 3.66 44.91
C GLU B 105 -16.07 5.06 44.86
N ASN B 106 -16.08 5.68 43.69
CA ASN B 106 -15.54 7.02 43.53
C ASN B 106 -16.63 8.08 43.52
N GLU B 107 -17.68 7.85 44.30
CA GLU B 107 -18.71 8.84 44.60
C GLU B 107 -19.44 9.41 43.39
N VAL B 108 -20.33 8.59 42.82
CA VAL B 108 -21.22 9.05 41.77
C VAL B 108 -22.34 8.01 41.58
N LYS B 109 -23.50 8.48 41.13
CA LYS B 109 -24.67 7.61 41.00
C LYS B 109 -25.07 7.39 39.54
N LEU B 110 -24.18 6.79 38.76
CA LEU B 110 -24.47 6.52 37.36
C LEU B 110 -24.48 5.04 37.03
N THR B 111 -25.54 4.60 36.35
CA THR B 111 -25.70 3.20 35.96
C THR B 111 -25.27 2.99 34.51
N ILE B 112 -24.14 2.35 34.31
CA ILE B 112 -23.67 2.06 32.96
C ILE B 112 -24.22 0.74 32.46
N MET B 113 -24.88 0.77 31.30
CA MET B 113 -25.45 -0.42 30.72
C MET B 113 -24.96 -0.61 29.28
N THR B 114 -24.53 -1.82 28.94
CA THR B 114 -24.03 -2.11 27.61
C THR B 114 -24.85 -3.23 26.96
N GLY B 115 -25.37 -2.94 25.77
CA GLY B 115 -26.08 -3.93 24.98
C GLY B 115 -25.15 -4.53 23.94
N ASP B 116 -25.69 -5.41 23.10
CA ASP B 116 -24.87 -6.06 22.09
C ASP B 116 -24.70 -5.20 20.84
N ILE B 117 -24.10 -5.77 19.80
CA ILE B 117 -23.95 -5.08 18.53
C ILE B 117 -24.43 -5.97 17.38
N LYS B 118 -25.23 -5.39 16.49
CA LYS B 118 -25.74 -6.11 15.32
C LYS B 118 -25.74 -5.18 14.11
N GLY B 119 -25.23 -5.67 12.98
CA GLY B 119 -25.18 -4.87 11.77
C GLY B 119 -24.15 -3.76 11.80
N ILE B 120 -24.50 -2.61 11.23
CA ILE B 120 -23.60 -1.46 11.19
C ILE B 120 -23.49 -0.81 12.56
N MET B 121 -22.26 -0.49 12.96
CA MET B 121 -22.01 0.21 14.21
C MET B 121 -22.10 1.71 13.98
N GLN B 122 -23.32 2.24 14.12
CA GLN B 122 -23.60 3.65 13.85
C GLN B 122 -22.71 4.58 14.64
N ALA B 123 -22.16 5.57 13.95
CA ALA B 123 -21.27 6.53 14.58
C ALA B 123 -22.06 7.42 15.52
N GLY B 124 -21.36 8.00 16.48
CA GLY B 124 -21.95 8.97 17.37
C GLY B 124 -21.36 10.33 17.07
N LYS B 125 -22.21 11.36 17.08
CA LYS B 125 -21.77 12.70 16.72
C LYS B 125 -20.87 13.32 17.78
N ARG B 126 -21.00 12.87 19.02
CA ARG B 126 -20.16 13.37 20.10
C ARG B 126 -18.98 12.46 20.36
N SER B 127 -18.18 12.80 21.39
CA SER B 127 -16.96 12.07 21.66
C SER B 127 -16.50 12.22 23.11
N LEU B 128 -15.47 11.46 23.47
CA LEU B 128 -14.90 11.52 24.82
C LEU B 128 -13.65 12.39 24.85
N ARG B 129 -13.32 12.90 26.02
CA ARG B 129 -12.15 13.75 26.20
C ARG B 129 -11.58 13.57 27.61
N PRO B 130 -10.25 13.43 27.71
CA PRO B 130 -9.58 13.23 28.99
C PRO B 130 -9.54 14.50 29.84
N GLN B 155 -30.57 8.39 36.75
CA GLN B 155 -30.10 8.44 35.37
C GLN B 155 -29.10 7.32 35.08
N THR B 156 -29.28 6.66 33.94
CA THR B 156 -28.39 5.56 33.55
C THR B 156 -27.60 5.89 32.29
N PHE B 157 -26.61 5.06 31.97
CA PHE B 157 -25.75 5.26 30.82
C PHE B 157 -25.76 4.05 29.92
N LEU B 158 -25.96 4.28 28.62
CA LEU B 158 -26.11 3.18 27.66
C LEU B 158 -24.93 3.08 26.70
N ILE B 159 -24.39 1.88 26.52
CA ILE B 159 -23.33 1.66 25.54
C ILE B 159 -23.81 0.69 24.47
N ASP B 160 -23.65 1.08 23.21
CA ASP B 160 -24.10 0.26 22.08
C ASP B 160 -25.56 -0.12 22.21
N GLY B 161 -25.84 -1.42 22.06
CA GLY B 161 -27.19 -1.92 22.13
C GLY B 161 -28.04 -1.44 20.98
N PRO B 162 -29.35 -1.64 21.08
CA PRO B 162 -30.29 -1.26 20.02
C PRO B 162 -30.41 0.25 19.91
N GLU B 163 -30.89 0.72 18.76
CA GLU B 163 -31.18 2.14 18.59
C GLU B 163 -32.37 2.50 19.48
N THR B 164 -32.25 3.60 20.20
CA THR B 164 -33.33 4.04 21.07
C THR B 164 -33.63 5.52 20.89
N ALA B 165 -34.78 5.94 21.39
CA ALA B 165 -35.19 7.34 21.26
C ALA B 165 -34.74 8.15 22.47
N GLU B 166 -34.48 7.46 23.58
CA GLU B 166 -34.02 8.12 24.80
C GLU B 166 -32.59 8.61 24.62
N CYS B 167 -31.82 7.86 23.83
CA CYS B 167 -30.42 8.16 23.60
C CYS B 167 -30.11 8.02 22.11
N PRO B 168 -30.38 9.07 21.33
CA PRO B 168 -30.15 9.04 19.89
C PRO B 168 -28.67 9.00 19.58
N ASN B 169 -28.30 8.57 18.37
CA ASN B 169 -26.90 8.50 17.99
C ASN B 169 -26.25 9.88 17.84
N THR B 170 -27.07 10.90 17.68
CA THR B 170 -26.60 12.27 17.59
C THR B 170 -25.99 12.73 18.91
N ASN B 171 -26.46 12.13 20.00
CA ASN B 171 -25.94 12.43 21.34
C ASN B 171 -25.13 11.26 21.87
N ARG B 172 -24.46 10.55 20.97
CA ARG B 172 -23.61 9.43 21.37
C ARG B 172 -22.14 9.73 21.11
N ALA B 173 -21.27 9.10 21.89
CA ALA B 173 -19.83 9.25 21.70
C ALA B 173 -19.28 8.10 20.88
N TRP B 174 -18.29 8.38 20.05
CA TRP B 174 -17.78 7.40 19.11
C TRP B 174 -16.45 7.85 18.52
N ASN B 175 -15.56 6.90 18.28
CA ASN B 175 -14.21 7.17 17.79
C ASN B 175 -13.46 8.10 18.72
N SER B 176 -13.31 7.68 19.96
CA SER B 176 -12.64 8.47 20.97
C SER B 176 -11.49 7.70 21.60
N LEU B 177 -11.27 6.48 21.12
CA LEU B 177 -10.22 5.64 21.67
C LEU B 177 -9.17 5.26 20.64
N GLU B 178 -7.91 5.30 21.06
CA GLU B 178 -6.80 4.87 20.23
C GLU B 178 -5.85 3.98 21.02
N VAL B 179 -5.07 3.18 20.31
CA VAL B 179 -4.13 2.25 20.93
C VAL B 179 -2.79 2.94 21.15
N GLU B 180 -2.19 2.71 22.32
CA GLU B 180 -0.84 3.19 22.57
C GLU B 180 0.15 2.07 22.27
N ASP B 181 0.02 0.97 23.01
CA ASP B 181 0.96 -0.14 22.88
C ASP B 181 0.29 -1.50 22.81
N TYR B 182 1.06 -2.50 22.41
CA TYR B 182 0.55 -3.84 22.21
C TYR B 182 0.98 -4.77 23.33
N GLY B 183 0.05 -5.60 23.80
CA GLY B 183 0.40 -6.67 24.72
C GLY B 183 0.90 -7.84 23.91
N PHE B 184 1.30 -8.92 24.58
CA PHE B 184 1.87 -10.07 23.90
C PHE B 184 1.23 -11.37 24.38
N GLY B 185 1.86 -12.50 24.07
CA GLY B 185 1.35 -13.79 24.46
C GLY B 185 1.18 -14.73 23.29
N THR B 188 -2.93 -15.53 23.81
CA THR B 188 -3.71 -14.36 23.45
C THR B 188 -2.83 -13.11 23.38
N THR B 189 -3.26 -12.14 22.59
CA THR B 189 -2.53 -10.89 22.46
C THR B 189 -3.42 -9.68 22.75
N ASN B 190 -3.06 -8.94 23.80
CA ASN B 190 -3.85 -7.80 24.22
C ASN B 190 -3.29 -6.51 23.65
N ILE B 191 -4.03 -5.41 23.78
CA ILE B 191 -3.55 -4.10 23.33
C ILE B 191 -4.03 -2.96 24.21
N TRP B 192 -3.12 -2.01 24.47
CA TRP B 192 -3.43 -0.83 25.26
C TRP B 192 -4.39 0.08 24.53
N LEU B 193 -5.17 0.84 25.29
CA LEU B 193 -6.00 1.89 24.71
C LEU B 193 -6.01 3.13 25.58
N LYS B 194 -5.84 4.28 24.94
CA LYS B 194 -5.92 5.57 25.63
C LYS B 194 -6.86 6.49 24.88
N LEU B 195 -7.16 7.65 25.47
CA LEU B 195 -8.08 8.60 24.86
C LEU B 195 -7.42 9.42 23.76
N LYS B 196 -8.21 9.82 22.76
CA LYS B 196 -7.72 10.64 21.68
C LYS B 196 -7.78 12.12 22.06
N GLU B 197 -6.81 12.89 21.58
CA GLU B 197 -6.77 14.32 21.84
C GLU B 197 -7.44 15.08 20.70
N LYS B 198 -7.79 14.34 19.66
CA LYS B 198 -8.43 14.92 18.48
C LYS B 198 -9.67 14.13 18.11
N GLN B 199 -10.65 14.79 17.50
CA GLN B 199 -11.86 14.12 17.07
C GLN B 199 -11.90 13.98 15.55
N ASP B 200 -12.33 12.81 15.08
CA ASP B 200 -12.47 12.57 13.65
C ASP B 200 -13.30 11.33 13.40
N VAL B 201 -13.62 11.09 12.14
CA VAL B 201 -14.38 9.89 11.77
C VAL B 201 -13.45 8.87 11.10
N PHE B 202 -12.15 9.04 11.31
CA PHE B 202 -11.17 8.09 10.81
C PHE B 202 -11.02 6.92 11.77
N CYS B 203 -10.94 5.71 11.22
CA CYS B 203 -10.65 4.54 12.04
C CYS B 203 -9.21 4.66 12.52
N ASP B 204 -8.92 4.07 13.68
CA ASP B 204 -7.58 4.09 14.27
C ASP B 204 -6.54 3.57 13.27
N SER B 205 -5.54 4.41 12.99
CA SER B 205 -4.51 4.09 12.02
C SER B 205 -3.69 2.88 12.45
N LYS B 206 -3.61 2.64 13.76
CA LYS B 206 -2.73 1.63 14.30
C LYS B 206 -3.30 0.21 14.21
N LEU B 207 -4.46 0.06 13.59
CA LEU B 207 -5.10 -1.24 13.48
C LEU B 207 -5.21 -1.67 12.01
N MET B 208 -5.03 -0.70 11.12
CA MET B 208 -5.14 -0.95 9.69
C MET B 208 -3.82 -1.42 9.11
N SER B 209 -3.89 -2.21 8.04
CA SER B 209 -2.69 -2.60 7.31
C SER B 209 -3.00 -2.72 5.82
N ALA B 210 -1.95 -2.86 5.00
CA ALA B 210 -2.12 -2.95 3.56
C ALA B 210 -0.84 -3.47 2.92
N ALA B 211 -0.98 -4.19 1.81
CA ALA B 211 0.20 -4.67 1.08
C ALA B 211 -0.10 -5.09 -0.34
N ILE B 212 0.90 -5.00 -1.21
CA ILE B 212 0.78 -5.50 -2.58
C ILE B 212 1.99 -6.35 -2.95
N LYS B 213 1.72 -7.54 -3.48
CA LYS B 213 2.78 -8.40 -4.01
C LYS B 213 2.16 -9.40 -4.98
N ASP B 214 2.90 -9.72 -6.03
CA ASP B 214 2.47 -10.68 -7.04
C ASP B 214 1.15 -10.27 -7.69
N ASN B 215 0.99 -8.97 -7.92
CA ASN B 215 -0.25 -8.39 -8.44
C ASN B 215 -1.49 -8.83 -7.66
N ARG B 216 -1.38 -8.81 -6.33
CA ARG B 216 -2.50 -9.09 -5.45
C ARG B 216 -2.46 -8.16 -4.25
N ALA B 217 -3.33 -7.16 -4.25
CA ALA B 217 -3.39 -6.17 -3.19
C ALA B 217 -4.27 -6.64 -2.07
N VAL B 218 -4.00 -6.18 -0.85
CA VAL B 218 -4.84 -6.49 0.31
C VAL B 218 -4.90 -5.30 1.23
N HIS B 219 -6.11 -4.89 1.60
CA HIS B 219 -6.31 -3.94 2.68
C HIS B 219 -6.90 -4.65 3.88
N ALA B 220 -6.15 -4.70 4.98
CA ALA B 220 -6.54 -5.47 6.14
C ALA B 220 -6.85 -4.63 7.37
N ASP B 221 -7.56 -5.25 8.31
CA ASP B 221 -7.96 -4.61 9.55
C ASP B 221 -8.14 -5.74 10.56
N MET B 222 -8.89 -5.49 11.63
CA MET B 222 -9.18 -6.53 12.61
C MET B 222 -10.50 -7.19 12.29
N GLY B 223 -11.34 -6.49 11.52
CA GLY B 223 -12.62 -7.02 11.11
C GLY B 223 -12.78 -7.00 9.60
N TYR B 224 -11.85 -6.34 8.91
CA TYR B 224 -11.89 -6.26 7.46
C TYR B 224 -10.78 -7.10 6.84
N TRP B 225 -11.02 -7.57 5.62
CA TRP B 225 -9.97 -8.19 4.82
C TRP B 225 -10.36 -8.10 3.35
N ILE B 226 -9.71 -7.18 2.63
CA ILE B 226 -10.17 -6.83 1.29
C ILE B 226 -9.13 -7.13 0.21
N GLU B 227 -9.39 -8.16 -0.59
CA GLU B 227 -8.45 -8.62 -1.61
C GLU B 227 -8.76 -8.09 -2.99
N SER B 228 -7.71 -7.61 -3.65
CA SER B 228 -7.77 -7.17 -5.04
C SER B 228 -6.68 -7.88 -5.81
N ALA B 229 -6.78 -7.89 -7.13
CA ALA B 229 -5.81 -8.58 -7.97
C ALA B 229 -5.74 -8.01 -9.38
N LEU B 230 -4.89 -8.60 -10.20
CA LEU B 230 -4.75 -8.20 -11.59
C LEU B 230 -5.09 -9.35 -12.53
N ASN B 231 -6.38 -9.56 -12.73
CA ASN B 231 -6.82 -10.46 -13.79
C ASN B 231 -7.29 -9.58 -14.93
N ASP B 232 -6.56 -9.62 -16.05
CA ASP B 232 -6.76 -8.68 -17.15
C ASP B 232 -6.50 -7.26 -16.66
N THR B 233 -7.35 -6.77 -15.76
CA THR B 233 -7.17 -5.47 -15.14
C THR B 233 -7.24 -5.57 -13.62
N TRP B 234 -6.79 -4.52 -12.95
CA TRP B 234 -6.88 -4.45 -11.51
C TRP B 234 -8.31 -4.24 -11.06
N LYS B 235 -8.78 -5.08 -10.14
CA LYS B 235 -10.11 -4.90 -9.57
C LYS B 235 -10.23 -5.63 -8.24
N ILE B 236 -11.27 -5.31 -7.49
CA ILE B 236 -11.49 -5.94 -6.20
C ILE B 236 -11.98 -7.37 -6.39
N GLU B 237 -11.47 -8.29 -5.58
CA GLU B 237 -11.76 -9.71 -5.76
C GLU B 237 -12.56 -10.30 -4.61
N LYS B 238 -12.16 -10.00 -3.38
CA LYS B 238 -12.88 -10.49 -2.20
C LYS B 238 -13.00 -9.42 -1.12
N ALA B 239 -13.95 -9.62 -0.21
CA ALA B 239 -14.08 -8.78 0.98
C ALA B 239 -14.66 -9.59 2.12
N SER B 240 -13.94 -9.60 3.24
CA SER B 240 -14.35 -10.38 4.41
C SER B 240 -14.58 -9.46 5.60
N PHE B 241 -15.73 -9.65 6.25
CA PHE B 241 -16.10 -8.84 7.40
C PHE B 241 -16.50 -9.71 8.60
N ILE B 242 -16.10 -9.29 9.78
CA ILE B 242 -16.64 -9.84 11.02
C ILE B 242 -17.41 -8.71 11.67
N GLU B 243 -17.25 -7.54 11.09
CA GLU B 243 -17.88 -6.33 11.62
C GLU B 243 -18.12 -5.32 10.50
N VAL B 244 -19.15 -4.50 10.67
CA VAL B 244 -19.40 -3.37 9.76
C VAL B 244 -19.39 -2.05 10.54
N LYS B 245 -18.35 -1.25 10.33
CA LYS B 245 -18.20 0.01 11.04
C LYS B 245 -18.47 1.20 10.13
N ASN B 246 -18.62 2.38 10.73
CA ASN B 246 -19.04 3.56 10.01
C ASN B 246 -17.95 4.65 10.00
N CYS B 247 -16.76 4.28 10.44
CA CYS B 247 -15.62 5.21 10.41
C CYS B 247 -15.11 5.37 8.99
N HIS B 248 -14.03 6.14 8.82
CA HIS B 248 -13.43 6.30 7.50
C HIS B 248 -12.05 5.68 7.44
N TRP B 249 -11.80 4.93 6.37
CA TRP B 249 -10.50 4.31 6.17
C TRP B 249 -9.49 5.38 5.75
N PRO B 250 -8.49 5.63 6.59
CA PRO B 250 -7.51 6.70 6.35
C PRO B 250 -6.72 6.50 5.08
N LYS B 251 -6.15 7.59 4.56
CA LYS B 251 -5.46 7.57 3.27
C LYS B 251 -4.01 7.12 3.41
N SER B 252 -3.48 7.21 4.63
CA SER B 252 -2.08 6.87 4.87
C SER B 252 -1.86 5.38 4.72
N HIS B 253 -2.92 4.63 4.94
CA HIS B 253 -2.86 3.18 4.87
C HIS B 253 -3.65 2.69 3.67
N THR B 254 -3.67 3.49 2.61
CA THR B 254 -4.46 3.16 1.43
C THR B 254 -3.58 3.09 0.18
N LEU B 255 -3.92 2.19 -0.74
CA LEU B 255 -3.19 2.04 -1.99
C LEU B 255 -3.97 2.63 -3.14
N TRP B 256 -3.30 3.35 -4.02
CA TRP B 256 -3.91 3.89 -5.23
C TRP B 256 -5.08 4.84 -4.92
N SER B 257 -4.82 5.80 -4.03
CA SER B 257 -5.88 6.70 -3.56
C SER B 257 -6.04 7.92 -4.46
N ASN B 258 -5.54 7.82 -5.68
CA ASN B 258 -5.59 8.94 -6.62
C ASN B 258 -6.69 8.80 -7.66
N GLY B 259 -7.56 9.81 -7.73
CA GLY B 259 -8.63 9.80 -8.70
C GLY B 259 -9.66 8.74 -8.38
N VAL B 260 -10.12 8.75 -7.14
CA VAL B 260 -11.04 7.71 -6.71
C VAL B 260 -12.48 8.25 -6.59
N LEU B 261 -13.31 7.81 -7.53
CA LEU B 261 -14.73 8.18 -7.56
C LEU B 261 -15.48 7.42 -6.47
N GLU B 262 -15.99 8.15 -5.49
CA GLU B 262 -16.76 7.55 -4.40
C GLU B 262 -18.01 6.85 -4.90
N SER B 263 -18.40 7.17 -6.14
CA SER B 263 -19.52 6.51 -6.77
C SER B 263 -19.07 5.18 -7.38
N GLU B 264 -17.76 5.01 -7.48
CA GLU B 264 -17.18 3.81 -8.08
C GLU B 264 -16.63 2.87 -7.02
N MET B 265 -16.29 3.43 -5.86
CA MET B 265 -15.84 2.64 -4.72
C MET B 265 -16.97 1.74 -4.30
N ILE B 266 -16.81 0.44 -4.52
CA ILE B 266 -17.83 -0.52 -4.11
C ILE B 266 -18.19 -0.40 -2.63
N ILE B 267 -17.20 -0.61 -1.78
CA ILE B 267 -17.41 -0.46 -0.34
C ILE B 267 -17.45 1.02 -0.01
N PRO B 268 -18.62 1.49 0.43
CA PRO B 268 -18.91 2.90 0.73
C PRO B 268 -17.86 3.56 1.61
N LYS B 269 -17.60 4.84 1.35
CA LYS B 269 -16.60 5.59 2.10
C LYS B 269 -16.96 5.65 3.58
N ASN B 270 -18.23 5.88 3.87
CA ASN B 270 -18.69 5.97 5.25
C ASN B 270 -18.79 4.62 5.95
N LEU B 271 -18.43 3.56 5.23
CA LEU B 271 -18.38 2.23 5.82
C LEU B 271 -16.95 1.75 5.93
N ALA B 272 -16.05 2.68 6.25
CA ALA B 272 -14.62 2.41 6.32
C ALA B 272 -14.06 1.77 5.04
N GLY B 273 -14.74 2.02 3.93
CA GLY B 273 -14.31 1.49 2.64
C GLY B 273 -13.10 2.23 2.11
N PRO B 274 -12.06 1.47 1.74
CA PRO B 274 -10.82 2.04 1.21
C PRO B 274 -11.08 2.91 -0.01
N VAL B 275 -10.64 4.16 0.06
CA VAL B 275 -10.76 5.06 -1.08
C VAL B 275 -9.66 4.69 -2.08
N SER B 276 -9.99 3.81 -3.01
CA SER B 276 -8.99 3.25 -3.90
C SER B 276 -9.57 2.66 -5.17
N GLN B 277 -8.73 2.59 -6.20
CA GLN B 277 -9.09 1.93 -7.43
C GLN B 277 -8.86 0.42 -7.28
N HIS B 278 -8.51 0.02 -6.07
CA HIS B 278 -8.52 -1.38 -5.70
C HIS B 278 -9.91 -1.72 -5.17
N ASN B 279 -10.70 -0.68 -4.91
CA ASN B 279 -12.08 -0.84 -4.46
C ASN B 279 -13.03 -0.62 -5.63
N TYR B 280 -12.56 -0.95 -6.83
CA TYR B 280 -13.34 -0.77 -8.05
C TYR B 280 -13.75 -2.10 -8.66
N ARG B 281 -14.80 -2.07 -9.48
CA ARG B 281 -15.20 -3.23 -10.26
C ARG B 281 -15.93 -2.76 -11.50
N PRO B 282 -15.50 -3.23 -12.67
CA PRO B 282 -16.10 -2.89 -13.96
C PRO B 282 -17.61 -3.12 -13.96
N GLY B 283 -18.38 -2.04 -14.09
CA GLY B 283 -19.82 -2.15 -14.18
C GLY B 283 -20.52 -2.16 -12.84
N TYR B 284 -19.83 -1.72 -11.79
CA TYR B 284 -20.42 -1.67 -10.46
C TYR B 284 -20.17 -0.34 -9.77
N HIS B 285 -21.02 -0.01 -8.82
CA HIS B 285 -20.91 1.26 -8.12
C HIS B 285 -20.95 1.04 -6.61
N THR B 286 -20.92 2.13 -5.86
CA THR B 286 -20.92 2.05 -4.41
C THR B 286 -22.16 1.33 -3.89
N GLN B 287 -21.96 0.14 -3.33
CA GLN B 287 -23.06 -0.64 -2.80
C GLN B 287 -23.55 -0.10 -1.46
N ILE B 288 -24.19 1.06 -1.48
CA ILE B 288 -24.69 1.68 -0.26
C ILE B 288 -25.88 0.90 0.30
N THR B 289 -26.63 0.26 -0.58
CA THR B 289 -27.78 -0.51 -0.15
C THR B 289 -27.51 -2.01 -0.27
N GLY B 290 -26.29 -2.41 0.07
CA GLY B 290 -25.94 -3.81 0.17
C GLY B 290 -26.42 -4.34 1.51
N PRO B 291 -26.28 -5.65 1.74
CA PRO B 291 -26.76 -6.26 2.98
C PRO B 291 -25.83 -6.01 4.16
N TRP B 292 -25.52 -4.75 4.42
CA TRP B 292 -24.62 -4.42 5.52
C TRP B 292 -25.33 -4.52 6.87
N HIS B 293 -26.55 -5.03 6.87
CA HIS B 293 -27.28 -5.22 8.12
C HIS B 293 -26.92 -6.57 8.72
N LEU B 294 -26.15 -7.35 7.98
CA LEU B 294 -25.72 -8.67 8.42
C LEU B 294 -24.67 -8.59 9.52
N GLY B 295 -23.79 -7.60 9.43
CA GLY B 295 -22.74 -7.42 10.41
C GLY B 295 -21.52 -8.25 10.07
N LYS B 296 -21.71 -9.56 9.96
CA LYS B 296 -20.64 -10.45 9.53
C LYS B 296 -21.01 -11.03 8.17
N LEU B 297 -20.11 -10.91 7.20
CA LEU B 297 -20.38 -11.43 5.86
C LEU B 297 -19.12 -11.62 5.02
N GLU B 298 -19.27 -12.36 3.93
CA GLU B 298 -18.16 -12.66 3.04
C GLU B 298 -18.61 -12.42 1.61
N MET B 299 -18.24 -11.28 1.04
CA MET B 299 -18.68 -10.93 -0.30
C MET B 299 -17.60 -11.14 -1.36
N ASP B 300 -18.01 -11.66 -2.51
CA ASP B 300 -17.09 -11.92 -3.61
C ASP B 300 -17.79 -11.93 -4.97
N PHE B 301 -17.17 -12.55 -5.96
CA PHE B 301 -17.72 -12.51 -7.31
C PHE B 301 -17.91 -13.90 -7.92
N ASP B 302 -19.10 -14.44 -7.74
CA ASP B 302 -19.52 -15.72 -8.31
C ASP B 302 -21.03 -15.72 -8.24
N PHE B 303 -21.68 -16.68 -8.89
CA PHE B 303 -23.13 -16.77 -8.83
C PHE B 303 -23.54 -17.32 -7.48
N CYS B 304 -24.79 -17.10 -7.09
CA CYS B 304 -25.32 -17.77 -5.91
C CYS B 304 -25.67 -19.19 -6.30
N ASP B 305 -25.62 -20.10 -5.34
CA ASP B 305 -25.80 -21.52 -5.60
C ASP B 305 -27.13 -21.84 -6.28
N GLY B 306 -27.06 -22.17 -7.57
CA GLY B 306 -28.26 -22.53 -8.32
C GLY B 306 -29.03 -21.33 -8.82
N THR B 307 -28.32 -20.26 -9.15
CA THR B 307 -28.95 -19.09 -9.74
C THR B 307 -28.31 -18.75 -11.09
N THR B 308 -29.00 -17.94 -11.87
CA THR B 308 -28.50 -17.54 -13.17
C THR B 308 -28.57 -16.03 -13.32
N VAL B 309 -27.43 -15.41 -13.63
CA VAL B 309 -27.39 -13.98 -13.87
C VAL B 309 -26.88 -13.71 -15.27
N VAL B 310 -27.49 -12.75 -15.95
CA VAL B 310 -27.06 -12.37 -17.29
C VAL B 310 -26.97 -10.86 -17.42
N VAL B 311 -26.47 -10.39 -18.56
CA VAL B 311 -26.36 -8.97 -18.82
C VAL B 311 -27.44 -8.57 -19.82
N THR B 312 -28.41 -7.79 -19.36
CA THR B 312 -29.52 -7.40 -20.21
C THR B 312 -29.92 -5.96 -19.94
N GLU B 313 -29.97 -5.15 -20.99
CA GLU B 313 -30.34 -3.75 -20.88
C GLU B 313 -31.80 -3.62 -20.44
N ASP B 314 -32.57 -4.68 -20.68
CA ASP B 314 -33.99 -4.71 -20.32
C ASP B 314 -34.18 -4.88 -18.81
N CYS B 315 -33.18 -5.42 -18.13
CA CYS B 315 -33.26 -5.67 -16.69
C CYS B 315 -33.50 -4.38 -15.91
N GLY B 316 -34.05 -4.51 -14.71
CA GLY B 316 -34.35 -3.36 -13.87
C GLY B 316 -33.11 -2.60 -13.48
N ASN B 317 -33.28 -1.34 -13.07
CA ASN B 317 -32.16 -0.52 -12.63
C ASN B 317 -31.69 -0.96 -11.25
N ARG B 318 -30.54 -0.43 -10.82
CA ARG B 318 -29.98 -0.77 -9.52
C ARG B 318 -30.86 -0.29 -8.36
N GLY B 319 -31.06 -1.17 -7.39
CA GLY B 319 -31.82 -0.86 -6.19
C GLY B 319 -31.25 -1.65 -5.03
N PRO B 320 -31.95 -1.67 -3.89
CA PRO B 320 -31.50 -2.36 -2.69
C PRO B 320 -31.10 -3.79 -3.00
N SER B 321 -30.07 -4.29 -2.31
CA SER B 321 -29.58 -5.63 -2.57
C SER B 321 -30.63 -6.65 -2.14
N LEU B 322 -30.90 -7.60 -3.02
CA LEU B 322 -31.90 -8.63 -2.73
C LEU B 322 -31.22 -9.93 -2.31
N ARG B 323 -32.00 -10.81 -1.69
CA ARG B 323 -31.52 -12.12 -1.30
C ARG B 323 -32.15 -13.12 -2.26
N THR B 324 -31.41 -14.18 -2.57
CA THR B 324 -31.92 -15.21 -3.48
C THR B 324 -33.17 -15.92 -2.96
N THR B 325 -33.34 -15.96 -1.64
CA THR B 325 -34.51 -16.60 -1.03
C THR B 325 -35.48 -15.58 -0.44
N THR B 326 -36.78 -15.82 -0.62
CA THR B 326 -37.80 -14.91 -0.09
C THR B 326 -38.23 -15.28 1.33
N ALA B 327 -39.13 -14.47 1.90
CA ALA B 327 -39.61 -14.70 3.26
C ALA B 327 -40.35 -16.03 3.38
N SER B 328 -40.88 -16.52 2.26
CA SER B 328 -41.58 -17.79 2.24
C SER B 328 -40.57 -18.93 2.07
N GLY B 329 -39.51 -18.67 1.31
CA GLY B 329 -38.48 -19.67 1.12
C GLY B 329 -38.22 -20.04 -0.34
N LYS B 330 -38.92 -19.39 -1.25
CA LYS B 330 -38.72 -19.64 -2.68
C LYS B 330 -37.34 -19.15 -3.14
N LEU B 331 -36.78 -19.80 -4.14
CA LEU B 331 -35.45 -19.44 -4.66
C LEU B 331 -35.54 -18.80 -6.05
N ILE B 332 -35.04 -17.58 -6.16
CA ILE B 332 -35.09 -16.87 -7.44
C ILE B 332 -33.92 -17.29 -8.34
N THR B 333 -34.20 -18.15 -9.32
CA THR B 333 -33.15 -18.72 -10.15
C THR B 333 -32.74 -17.84 -11.32
N GLU B 334 -33.60 -16.88 -11.67
CA GLU B 334 -33.33 -16.03 -12.83
C GLU B 334 -33.06 -14.58 -12.46
N TRP B 335 -31.81 -14.15 -12.70
CA TRP B 335 -31.38 -12.80 -12.36
C TRP B 335 -30.72 -12.12 -13.56
N CYS B 336 -30.52 -10.81 -13.46
CA CYS B 336 -29.96 -10.04 -14.55
C CYS B 336 -29.32 -8.73 -14.07
N CYS B 337 -28.69 -8.04 -15.00
CA CYS B 337 -28.17 -6.69 -14.77
C CYS B 337 -28.06 -5.95 -16.09
N ARG B 338 -28.15 -4.63 -16.03
CA ARG B 338 -28.03 -3.80 -17.22
C ARG B 338 -26.60 -3.77 -17.74
N SER B 339 -25.68 -3.35 -16.88
CA SER B 339 -24.29 -3.15 -17.28
C SER B 339 -23.29 -3.85 -16.39
N CYS B 340 -23.76 -4.61 -15.40
CA CYS B 340 -22.86 -5.31 -14.50
C CYS B 340 -22.00 -6.30 -15.27
N THR B 341 -20.96 -6.82 -14.62
CA THR B 341 -20.07 -7.79 -15.27
C THR B 341 -20.04 -9.10 -14.50
N LEU B 342 -19.96 -10.21 -15.23
CA LEU B 342 -19.98 -11.53 -14.62
C LEU B 342 -18.54 -12.02 -14.37
N PRO B 343 -18.32 -12.79 -13.29
CA PRO B 343 -19.23 -13.29 -12.25
C PRO B 343 -19.85 -12.18 -11.40
N PRO B 344 -21.10 -12.35 -11.00
CA PRO B 344 -21.87 -11.31 -10.32
C PRO B 344 -21.40 -11.03 -8.91
N LEU B 345 -21.61 -9.81 -8.45
CA LEU B 345 -21.29 -9.40 -7.09
C LEU B 345 -22.25 -10.11 -6.14
N ARG B 346 -21.74 -11.08 -5.38
CA ARG B 346 -22.58 -11.81 -4.43
C ARG B 346 -22.13 -11.62 -2.98
N TYR B 347 -23.10 -11.73 -2.08
CA TYR B 347 -22.83 -11.64 -0.65
C TYR B 347 -23.16 -12.96 0.04
N ARG B 348 -22.16 -13.65 0.57
CA ARG B 348 -22.43 -14.85 1.37
C ARG B 348 -22.54 -14.47 2.85
N GLY B 349 -23.75 -14.57 3.38
CA GLY B 349 -24.00 -14.20 4.77
C GLY B 349 -24.54 -15.32 5.62
N GLU B 350 -25.46 -14.97 6.52
CA GLU B 350 -26.07 -15.93 7.45
C GLU B 350 -27.32 -16.53 6.83
N ASP B 351 -28.21 -15.67 6.35
CA ASP B 351 -29.46 -16.10 5.75
C ASP B 351 -29.30 -16.59 4.30
N GLY B 352 -28.07 -16.61 3.81
CA GLY B 352 -27.81 -17.15 2.48
C GLY B 352 -27.14 -16.17 1.54
N CYS B 353 -27.26 -16.44 0.24
CA CYS B 353 -26.58 -15.65 -0.77
C CYS B 353 -27.40 -14.45 -1.23
N TRP B 354 -26.70 -13.33 -1.48
CA TRP B 354 -27.31 -12.10 -1.94
C TRP B 354 -26.62 -11.65 -3.23
N TYR B 355 -27.22 -10.70 -3.93
CA TYR B 355 -26.62 -10.17 -5.14
C TYR B 355 -26.41 -8.67 -5.05
N GLY B 356 -25.62 -8.12 -5.96
CA GLY B 356 -25.34 -6.70 -5.97
C GLY B 356 -26.56 -5.83 -6.20
N MET B 357 -26.40 -4.53 -6.02
CA MET B 357 -27.49 -3.57 -6.21
C MET B 357 -27.94 -3.55 -7.67
N GLU B 358 -26.99 -3.75 -8.57
CA GLU B 358 -27.28 -3.72 -10.00
C GLU B 358 -28.07 -4.93 -10.45
N ILE B 359 -28.08 -5.98 -9.63
CA ILE B 359 -28.67 -7.26 -10.02
C ILE B 359 -30.11 -7.41 -9.56
N ARG B 360 -30.99 -7.67 -10.52
CA ARG B 360 -32.41 -7.76 -10.25
C ARG B 360 -32.96 -9.11 -10.66
N PRO B 361 -34.07 -9.53 -10.05
CA PRO B 361 -34.71 -10.77 -10.49
C PRO B 361 -35.21 -10.58 -11.91
N LEU B 362 -34.91 -11.53 -12.78
CA LEU B 362 -35.24 -11.43 -14.19
C LEU B 362 -36.73 -11.23 -14.42
N LYS B 363 -37.54 -12.07 -13.77
CA LYS B 363 -38.97 -12.08 -14.01
C LYS B 363 -39.77 -11.76 -12.76
N GLU B 364 -39.46 -12.45 -11.67
CA GLU B 364 -40.17 -12.28 -10.40
C GLU B 364 -40.18 -10.82 -9.96
N LYS B 365 -41.35 -10.33 -9.56
CA LYS B 365 -41.47 -8.97 -9.05
C LYS B 365 -40.56 -8.82 -7.84
N GLU B 366 -39.79 -7.73 -7.80
CA GLU B 366 -38.80 -7.55 -6.74
C GLU B 366 -39.44 -7.34 -5.38
N GLU B 367 -40.71 -6.96 -5.38
CA GLU B 367 -41.43 -6.72 -4.14
C GLU B 367 -41.83 -8.03 -3.45
N ASN B 368 -41.64 -9.13 -4.16
CA ASN B 368 -41.86 -10.45 -3.59
C ASN B 368 -40.57 -10.95 -2.94
N LEU B 369 -39.50 -10.15 -3.05
CA LEU B 369 -38.19 -10.53 -2.53
C LEU B 369 -37.79 -9.73 -1.30
N VAL B 370 -36.84 -10.28 -0.53
CA VAL B 370 -36.38 -9.64 0.68
C VAL B 370 -35.17 -8.76 0.39
N ASN B 371 -35.19 -7.53 0.90
CA ASN B 371 -34.09 -6.59 0.69
C ASN B 371 -33.61 -5.98 2.00
N SER B 372 -32.57 -5.17 1.91
CA SER B 372 -32.06 -4.45 3.06
C SER B 372 -33.05 -3.35 3.46
N LEU B 373 -33.62 -3.47 4.65
CA LEU B 373 -34.59 -2.48 5.14
C LEU B 373 -33.91 -1.44 6.00
C1 NAG C . 9.95 12.31 17.06
C2 NAG C . 11.32 11.87 17.56
C3 NAG C . 11.74 12.72 18.76
C4 NAG C . 11.66 14.20 18.42
C5 NAG C . 10.26 14.54 17.92
C6 NAG C . 10.13 15.98 17.46
C7 NAG C . 12.25 9.60 17.43
C8 NAG C . 13.30 10.19 16.53
N2 NAG C . 11.33 10.46 17.89
O3 NAG C . 13.07 12.37 19.15
O4 NAG C . 11.94 14.98 19.58
O5 NAG C . 9.95 13.72 16.78
O6 NAG C . 9.13 16.11 16.45
O7 NAG C . 12.23 8.42 17.74
C1 NAG D . -9.59 -14.18 -15.13
C2 NAG D . -9.65 -15.53 -14.42
C3 NAG D . -9.94 -16.63 -15.43
C4 NAG D . -11.18 -16.31 -16.26
C5 NAG D . -11.06 -14.92 -16.87
C6 NAG D . -12.32 -14.48 -17.59
C7 NAG D . -8.41 -16.02 -12.37
C8 NAG D . -7.07 -16.29 -11.78
N2 NAG D . -8.44 -15.80 -13.69
O3 NAG D . -10.11 -17.88 -14.75
O4 NAG D . -11.35 -17.28 -17.28
O5 NAG D . -10.80 -13.95 -15.85
O6 NAG D . -13.06 -15.60 -18.04
O7 NAG D . -9.44 -15.98 -11.68
#